data_3V4C
#
_entry.id   3V4C
#
_cell.length_a   187.197
_cell.length_b   46.079
_cell.length_c   117.404
_cell.angle_alpha   90.00
_cell.angle_beta   104.76
_cell.angle_gamma   90.00
#
_symmetry.space_group_name_H-M   'C 1 2 1'
#
loop_
_entity.id
_entity.type
_entity.pdbx_description
1 polymer 'Aldehyde dehydrogenase (NADP+)'
2 non-polymer 2-{2-[2-(2-{2-[2-(2-ETHOXY-ETHOXY)-ETHOXY]-ETHOXY}-ETHOXY)-ETHOXY]-ETHOXY}-ETHANOL
3 water water
#
_entity_poly.entity_id   1
_entity_poly.type   'polypeptide(L)'
_entity_poly.pdbx_seq_one_letter_code
;(MSE)HHHHHHSSGVDLGTENLYFQS(MSE)(MSE)IFTPKGKHLVAGEWLDGAGTFASAPAHGPAHDFAVGTVELVNRA
CEAAEEAFWTYGYSSRKERAAFLRAIADEIEARAEAITEIGSQETGLPEARLNGERGRTTGQLRLFADHIEKGDYLDRRV
DAA(MSE)PERQPAPRQEIRLVQRPVGPVAVFGASNFPLAFSTAGGDTAAALAAGCPVVVKGHSAHPGTGEIVAEAVDAA
IRKTGVHPGVFSLIQGGSRDVGHALVQHPHIKAVGFTGSLAGGRALFDLCAARPEPIPFFGELGSVNP(MSE)FLLPEAL
KARAETLGQGWAGSLT(MSE)GAGQFCTNPGIAVVIEGADADRFTTAAVEALAKVAPQT(MSE)LTDGIAKAYRDGQARF
ATRNAVKPLLATESSGRDASPNLFETTGAQFLADHALGEEVFGPLGLVVRVGSPAE(MSE)EELARGFQGQLTATIH
(MSE)DAGDLETARRLRPVLERKAGRVLVNGFPTGVEVVDS(MSE)VHGGPYPASTNFGATSVGT(MSE)SIRRFLRPVA
YQN(MSE)PEDLLPEDFLG
;
_entity_poly.pdbx_strand_id   A,B
#
loop_
_chem_comp.id
_chem_comp.type
_chem_comp.name
_chem_comp.formula
PE4 non-polymer 2-{2-[2-(2-{2-[2-(2-ETHOXY-ETHOXY)-ETHOXY]-ETHOXY}-ETHOXY)-ETHOXY]-ETHOXY}-ETHANOL 'C16 H34 O8'
#
# COMPACT_ATOMS: atom_id res chain seq x y z
N MSE A 23 -1.94 -44.84 19.43
CA MSE A 23 -2.16 -43.95 20.60
C MSE A 23 -2.54 -42.55 20.10
O MSE A 23 -3.43 -41.86 20.67
N MSE A 24 -1.86 -42.12 19.02
CA MSE A 24 -2.18 -40.90 18.27
C MSE A 24 -3.70 -40.56 18.06
O MSE A 24 -4.46 -41.32 17.43
CB MSE A 24 -1.42 -40.90 16.93
N ILE A 25 -4.12 -39.41 18.62
CA ILE A 25 -5.44 -38.82 18.34
C ILE A 25 -5.61 -38.49 16.84
N PHE A 26 -4.51 -38.14 16.17
CA PHE A 26 -4.54 -37.67 14.78
C PHE A 26 -3.41 -38.31 13.99
N THR A 27 -3.75 -38.99 12.91
CA THR A 27 -2.72 -39.41 11.95
C THR A 27 -2.92 -38.66 10.62
N PRO A 28 -1.89 -37.91 10.15
CA PRO A 28 -2.12 -37.11 8.98
C PRO A 28 -2.25 -37.91 7.71
N LYS A 29 -3.23 -37.50 6.92
CA LYS A 29 -3.37 -37.86 5.50
C LYS A 29 -2.07 -37.60 4.77
N GLY A 30 -1.40 -36.50 5.09
CA GLY A 30 -0.23 -36.05 4.37
C GLY A 30 -0.52 -35.54 2.97
N LYS A 31 -1.75 -35.12 2.68
CA LYS A 31 -2.08 -34.65 1.32
C LYS A 31 -2.21 -33.10 1.26
N HIS A 32 -2.10 -32.53 0.05
CA HIS A 32 -2.51 -31.12 -0.18
C HIS A 32 -3.99 -30.98 -0.16
N LEU A 33 -4.49 -29.84 0.33
CA LEU A 33 -5.91 -29.54 0.18
C LEU A 33 -6.03 -28.48 -0.91
N VAL A 34 -6.57 -28.87 -2.07
CA VAL A 34 -6.68 -27.95 -3.20
C VAL A 34 -8.14 -27.85 -3.54
N ALA A 35 -8.76 -26.70 -3.16
CA ALA A 35 -10.17 -26.47 -3.46
C ALA A 35 -11.09 -27.67 -3.19
N GLY A 36 -11.06 -28.17 -1.97
CA GLY A 36 -11.92 -29.26 -1.50
C GLY A 36 -11.45 -30.67 -1.80
N GLU A 37 -10.33 -30.83 -2.52
CA GLU A 37 -9.83 -32.15 -2.88
C GLU A 37 -8.53 -32.38 -2.20
N TRP A 38 -8.35 -33.58 -1.62
CA TRP A 38 -7.06 -33.91 -1.02
C TRP A 38 -6.19 -34.63 -2.03
N LEU A 39 -5.03 -34.06 -2.28
CA LEU A 39 -4.23 -34.44 -3.42
C LEU A 39 -2.82 -34.85 -3.08
N ASP A 40 -2.28 -35.75 -3.90
CA ASP A 40 -0.87 -36.10 -3.71
C ASP A 40 -0.05 -35.14 -4.53
N GLY A 41 1.25 -35.27 -4.37
CA GLY A 41 2.22 -34.39 -4.96
C GLY A 41 3.36 -35.12 -5.63
N ALA A 42 4.43 -34.39 -5.94
CA ALA A 42 5.62 -34.99 -6.56
C ALA A 42 6.43 -35.79 -5.54
N GLY A 43 5.92 -36.95 -5.13
CA GLY A 43 6.59 -37.73 -4.10
C GLY A 43 6.27 -37.18 -2.70
N THR A 44 7.10 -37.50 -1.73
CA THR A 44 6.84 -37.11 -0.35
C THR A 44 8.06 -36.59 0.38
N PHE A 45 7.81 -35.84 1.44
CA PHE A 45 8.89 -35.45 2.31
C PHE A 45 8.48 -35.77 3.73
N ALA A 46 9.46 -36.08 4.58
CA ALA A 46 9.18 -36.48 5.97
C ALA A 46 9.19 -35.29 6.88
N SER A 47 8.30 -35.22 7.85
CA SER A 47 8.39 -34.16 8.86
C SER A 47 9.59 -34.43 9.79
N ALA A 48 10.02 -33.40 10.51
CA ALA A 48 11.17 -33.53 11.39
C ALA A 48 10.81 -33.13 12.80
N PRO A 49 9.87 -33.88 13.46
CA PRO A 49 9.38 -33.44 14.73
C PRO A 49 10.48 -33.54 15.79
N ALA A 50 10.29 -32.77 16.86
CA ALA A 50 11.14 -32.75 18.01
C ALA A 50 10.93 -34.05 18.78
N HIS A 51 9.69 -34.54 18.78
CA HIS A 51 9.31 -35.79 19.45
C HIS A 51 8.02 -36.30 18.82
N GLY A 52 7.71 -37.57 19.04
CA GLY A 52 6.60 -38.21 18.32
C GLY A 52 7.07 -38.71 16.96
N PRO A 53 6.19 -39.35 16.19
CA PRO A 53 6.59 -39.91 14.89
C PRO A 53 6.67 -38.89 13.72
N ALA A 54 7.67 -39.03 12.84
CA ALA A 54 7.70 -38.31 11.55
C ALA A 54 6.52 -38.78 10.71
N HIS A 55 5.99 -37.96 9.79
CA HIS A 55 4.96 -38.40 8.83
C HIS A 55 5.38 -38.01 7.42
N ASP A 56 4.84 -38.68 6.40
CA ASP A 56 5.24 -38.31 5.04
C ASP A 56 4.20 -37.31 4.52
N PHE A 57 4.65 -36.25 3.85
CA PHE A 57 3.73 -35.26 3.26
C PHE A 57 3.97 -35.10 1.78
N ALA A 58 2.87 -34.88 1.06
CA ALA A 58 2.98 -34.61 -0.34
C ALA A 58 3.89 -33.36 -0.62
N VAL A 59 4.72 -33.46 -1.66
CA VAL A 59 5.60 -32.38 -2.08
C VAL A 59 4.82 -31.46 -3.07
N GLY A 60 4.85 -30.13 -2.89
CA GLY A 60 4.10 -29.28 -3.84
C GLY A 60 4.77 -29.08 -5.18
N THR A 61 4.01 -28.68 -6.18
CA THR A 61 4.54 -28.46 -7.51
C THR A 61 3.90 -27.20 -8.06
N VAL A 62 4.47 -26.68 -9.12
CA VAL A 62 3.86 -25.56 -9.87
C VAL A 62 2.49 -25.89 -10.43
N GLU A 63 2.29 -27.12 -10.94
CA GLU A 63 0.90 -27.51 -11.35
C GLU A 63 -0.15 -27.38 -10.24
N LEU A 64 0.24 -27.83 -9.03
CA LEU A 64 -0.65 -27.77 -7.88
C LEU A 64 -0.93 -26.30 -7.52
N VAL A 65 0.09 -25.45 -7.63
CA VAL A 65 -0.10 -23.98 -7.46
C VAL A 65 -1.12 -23.45 -8.47
N ASN A 66 -0.93 -23.74 -9.75
CA ASN A 66 -1.83 -23.34 -10.78
C ASN A 66 -3.26 -23.78 -10.52
N ARG A 67 -3.41 -25.04 -10.16
CA ARG A 67 -4.72 -25.56 -9.81
C ARG A 67 -5.43 -24.78 -8.67
N ALA A 68 -4.71 -24.60 -7.56
CA ALA A 68 -5.25 -23.84 -6.45
C ALA A 68 -5.66 -22.38 -6.86
N CYS A 69 -4.82 -21.71 -7.65
CA CYS A 69 -5.02 -20.29 -7.96
C CYS A 69 -6.14 -20.14 -8.94
N GLU A 70 -6.25 -21.05 -9.93
CA GLU A 70 -7.43 -21.06 -10.79
C GLU A 70 -8.73 -21.27 -10.05
N ALA A 71 -8.72 -22.20 -9.10
CA ALA A 71 -9.89 -22.38 -8.27
C ALA A 71 -10.22 -21.19 -7.39
N ALA A 72 -9.17 -20.50 -6.90
CA ALA A 72 -9.38 -19.31 -6.03
C ALA A 72 -10.02 -18.19 -6.85
N GLU A 73 -9.56 -18.07 -8.09
CA GLU A 73 -10.18 -17.13 -9.04
C GLU A 73 -11.64 -17.46 -9.26
N GLU A 74 -11.94 -18.74 -9.52
CA GLU A 74 -13.30 -19.14 -9.75
C GLU A 74 -14.14 -18.90 -8.47
N ALA A 75 -13.60 -19.25 -7.29
CA ALA A 75 -14.34 -18.94 -6.03
C ALA A 75 -14.67 -17.46 -5.81
N PHE A 76 -13.79 -16.59 -6.32
CA PHE A 76 -13.90 -15.19 -6.02
C PHE A 76 -15.19 -14.65 -6.60
N TRP A 77 -15.64 -15.19 -7.76
CA TRP A 77 -16.93 -14.67 -8.30
C TRP A 77 -18.10 -14.85 -7.40
N THR A 78 -18.06 -15.79 -6.45
CA THR A 78 -19.15 -15.91 -5.50
C THR A 78 -18.69 -15.38 -4.12
N TYR A 79 -17.49 -15.82 -3.67
CA TYR A 79 -17.07 -15.46 -2.31
C TYR A 79 -16.74 -13.97 -2.15
N GLY A 80 -16.14 -13.39 -3.20
CA GLY A 80 -15.88 -11.94 -3.29
C GLY A 80 -17.16 -11.11 -3.27
N TYR A 81 -18.30 -11.77 -3.46
CA TYR A 81 -19.56 -11.05 -3.61
C TYR A 81 -20.57 -11.42 -2.54
N SER A 82 -20.11 -12.14 -1.51
CA SER A 82 -20.93 -12.65 -0.44
C SER A 82 -21.21 -11.50 0.52
N SER A 83 -22.16 -11.67 1.40
CA SER A 83 -22.50 -10.70 2.37
C SER A 83 -21.55 -10.78 3.56
N ARG A 84 -21.48 -9.73 4.33
CA ARG A 84 -20.69 -9.71 5.53
C ARG A 84 -21.18 -10.74 6.53
N LYS A 85 -22.50 -10.87 6.62
CA LYS A 85 -23.13 -11.83 7.53
C LYS A 85 -22.71 -13.23 7.15
N GLU A 86 -22.72 -13.51 5.87
CA GLU A 86 -22.22 -14.82 5.38
C GLU A 86 -20.73 -15.05 5.66
N ARG A 87 -19.89 -14.04 5.49
CA ARG A 87 -18.47 -14.28 5.82
C ARG A 87 -18.22 -14.37 7.32
N ALA A 88 -18.99 -13.62 8.10
CA ALA A 88 -18.83 -13.65 9.56
C ALA A 88 -19.18 -15.06 10.03
N ALA A 89 -20.28 -15.60 9.45
CA ALA A 89 -20.69 -16.97 9.74
C ALA A 89 -19.57 -17.98 9.40
N PHE A 90 -18.92 -17.79 8.26
CA PHE A 90 -17.89 -18.67 7.85
C PHE A 90 -16.65 -18.55 8.77
N LEU A 91 -16.28 -17.33 9.18
CA LEU A 91 -15.10 -17.19 10.07
C LEU A 91 -15.42 -17.86 11.44
N ARG A 92 -16.66 -17.72 11.90
CA ARG A 92 -17.06 -18.30 13.19
C ARG A 92 -17.09 -19.82 13.12
N ALA A 93 -17.53 -20.32 11.96
CA ALA A 93 -17.47 -21.74 11.69
C ALA A 93 -16.02 -22.28 11.66
N ILE A 94 -15.08 -21.55 11.07
CA ILE A 94 -13.73 -22.05 11.10
C ILE A 94 -13.20 -22.11 12.54
N ALA A 95 -13.53 -21.09 13.32
CA ALA A 95 -13.04 -20.99 14.70
C ALA A 95 -13.60 -22.20 15.49
N ASP A 96 -14.88 -22.53 15.25
CA ASP A 96 -15.56 -23.61 15.96
C ASP A 96 -14.96 -24.90 15.57
N GLU A 97 -14.62 -25.06 14.29
CA GLU A 97 -13.95 -26.31 13.87
C GLU A 97 -12.53 -26.49 14.41
N ILE A 98 -11.81 -25.39 14.57
CA ILE A 98 -10.47 -25.45 15.08
C ILE A 98 -10.59 -25.90 16.54
N GLU A 99 -11.51 -25.29 17.27
CA GLU A 99 -11.74 -25.64 18.69
C GLU A 99 -12.22 -27.11 18.87
N ALA A 100 -13.01 -27.62 17.91
CA ALA A 100 -13.36 -29.04 17.92
C ALA A 100 -12.13 -29.91 17.75
N ARG A 101 -11.03 -29.35 17.26
CA ARG A 101 -9.81 -30.14 17.08
C ARG A 101 -8.66 -29.85 18.07
N ALA A 102 -8.98 -29.16 19.17
CA ALA A 102 -8.03 -28.73 20.22
C ALA A 102 -7.02 -29.82 20.55
N GLU A 103 -7.52 -31.01 20.93
CA GLU A 103 -6.63 -32.12 21.26
C GLU A 103 -5.68 -32.54 20.15
N ALA A 104 -6.13 -32.75 18.90
CA ALA A 104 -5.18 -33.14 17.82
C ALA A 104 -4.15 -31.98 17.48
N ILE A 105 -4.62 -30.73 17.59
CA ILE A 105 -3.77 -29.55 17.28
C ILE A 105 -2.57 -29.47 18.27
N THR A 106 -2.89 -29.53 19.55
CA THR A 106 -1.84 -29.60 20.58
C THR A 106 -0.86 -30.78 20.40
N GLU A 107 -1.36 -31.98 20.11
CA GLU A 107 -0.50 -33.11 19.93
C GLU A 107 0.44 -32.99 18.73
N ILE A 108 -0.12 -32.70 17.55
CA ILE A 108 0.78 -32.69 16.41
C ILE A 108 1.65 -31.40 16.49
N GLY A 109 1.02 -30.32 16.97
CA GLY A 109 1.69 -29.01 17.07
C GLY A 109 2.90 -29.03 17.97
N SER A 110 2.75 -29.62 19.15
CA SER A 110 3.93 -29.75 20.04
C SER A 110 4.96 -30.75 19.52
N GLN A 111 4.52 -31.86 18.95
CA GLN A 111 5.48 -32.73 18.30
C GLN A 111 6.42 -32.02 17.32
N GLU A 112 5.79 -31.24 16.42
CA GLU A 112 6.50 -30.75 15.23
C GLU A 112 7.45 -29.62 15.57
N THR A 113 6.97 -28.74 16.41
CA THR A 113 7.70 -27.56 16.75
C THR A 113 8.64 -27.67 17.96
N GLY A 114 8.34 -28.58 18.89
CA GLY A 114 9.09 -28.68 20.16
C GLY A 114 8.57 -27.67 21.17
N LEU A 115 7.60 -26.86 20.79
CA LEU A 115 7.01 -25.93 21.74
C LEU A 115 6.15 -26.71 22.74
N PRO A 116 6.13 -26.27 24.02
CA PRO A 116 5.34 -27.01 25.01
C PRO A 116 3.86 -27.06 24.63
N GLU A 117 3.15 -28.12 25.07
CA GLU A 117 1.71 -28.16 24.99
C GLU A 117 1.01 -26.89 25.47
N ALA A 118 1.45 -26.29 26.59
CA ALA A 118 0.75 -25.08 27.08
C ALA A 118 0.78 -23.90 26.04
N ARG A 119 1.84 -23.87 25.27
CA ARG A 119 1.94 -22.87 24.24
C ARG A 119 0.94 -23.12 23.10
N LEU A 120 0.84 -24.36 22.67
CA LEU A 120 -0.07 -24.72 21.61
C LEU A 120 -1.51 -24.46 22.01
N ASN A 121 -1.84 -24.78 23.23
CA ASN A 121 -3.16 -24.52 23.73
C ASN A 121 -3.50 -23.03 23.79
N GLY A 122 -2.58 -22.23 24.28
CA GLY A 122 -2.83 -20.80 24.36
C GLY A 122 -2.89 -20.18 22.97
N GLU A 123 -1.99 -20.57 22.07
CA GLU A 123 -1.95 -19.96 20.71
C GLU A 123 -3.21 -20.40 19.91
N ARG A 124 -3.78 -21.55 20.25
CA ARG A 124 -5.06 -21.93 19.65
C ARG A 124 -6.13 -20.96 20.01
N GLY A 125 -6.18 -20.55 21.28
CA GLY A 125 -7.15 -19.55 21.76
C GLY A 125 -6.97 -18.19 21.09
N ARG A 126 -5.73 -17.85 20.86
CA ARG A 126 -5.42 -16.60 20.14
C ARG A 126 -6.01 -16.70 18.71
N THR A 127 -5.75 -17.81 18.04
CA THR A 127 -6.19 -18.02 16.65
C THR A 127 -7.70 -17.95 16.50
N THR A 128 -8.43 -18.64 17.40
CA THR A 128 -9.88 -18.66 17.27
C THR A 128 -10.43 -17.35 17.69
N GLY A 129 -9.85 -16.70 18.72
CA GLY A 129 -10.41 -15.40 19.09
C GLY A 129 -10.19 -14.37 17.96
N GLN A 130 -9.09 -14.49 17.27
CA GLN A 130 -8.69 -13.54 16.16
C GLN A 130 -9.70 -13.73 15.00
N LEU A 131 -10.06 -14.97 14.64
CA LEU A 131 -11.15 -15.24 13.65
C LEU A 131 -12.45 -14.55 14.02
N ARG A 132 -12.81 -14.68 15.28
CA ARG A 132 -14.08 -14.16 15.80
C ARG A 132 -14.05 -12.65 15.89
N LEU A 133 -12.89 -12.04 16.17
CA LEU A 133 -12.76 -10.56 16.17
C LEU A 133 -13.00 -10.06 14.72
N PHE A 134 -12.42 -10.73 13.74
CA PHE A 134 -12.70 -10.31 12.35
C PHE A 134 -14.18 -10.47 12.00
N ALA A 135 -14.80 -11.55 12.50
CA ALA A 135 -16.20 -11.71 12.24
C ALA A 135 -17.00 -10.57 12.81
N ASP A 136 -16.74 -10.20 14.06
CA ASP A 136 -17.44 -9.06 14.63
C ASP A 136 -17.18 -7.78 13.82
N HIS A 137 -15.92 -7.60 13.44
CA HIS A 137 -15.48 -6.39 12.76
C HIS A 137 -16.23 -6.17 11.45
N ILE A 138 -16.35 -7.20 10.62
CA ILE A 138 -17.07 -6.99 9.37
C ILE A 138 -18.58 -6.81 9.55
N GLU A 139 -19.14 -7.44 10.56
CA GLU A 139 -20.54 -7.18 10.85
C GLU A 139 -20.85 -5.74 11.22
N LYS A 140 -19.94 -5.04 11.89
CA LYS A 140 -20.05 -3.59 12.16
C LYS A 140 -20.03 -2.79 10.85
N GLY A 141 -19.23 -3.23 9.86
CA GLY A 141 -19.25 -2.60 8.51
C GLY A 141 -18.53 -1.26 8.32
N ASP A 142 -17.98 -0.71 9.40
CA ASP A 142 -17.28 0.56 9.29
C ASP A 142 -16.04 0.38 8.36
N TYR A 143 -15.39 -0.80 8.38
CA TYR A 143 -14.20 -1.05 7.58
C TYR A 143 -14.49 -0.84 6.07
N LEU A 144 -15.78 -0.85 5.65
CA LEU A 144 -16.11 -0.72 4.19
C LEU A 144 -15.84 0.68 3.69
N ASP A 145 -15.60 1.60 4.60
CA ASP A 145 -15.32 3.00 4.31
C ASP A 145 -16.41 3.62 3.46
N ARG A 146 -17.66 3.28 3.67
CA ARG A 146 -18.69 3.75 2.78
C ARG A 146 -18.80 5.27 2.83
N ARG A 147 -18.85 5.90 1.68
CA ARG A 147 -18.94 7.34 1.57
C ARG A 147 -19.89 7.67 0.42
N VAL A 148 -20.54 8.81 0.48
CA VAL A 148 -21.39 9.27 -0.58
C VAL A 148 -21.34 10.77 -0.75
N ASP A 149 -21.30 11.23 -1.98
CA ASP A 149 -21.41 12.62 -2.28
C ASP A 149 -22.59 12.77 -3.19
N ALA A 150 -23.59 13.53 -2.73
CA ALA A 150 -24.91 13.57 -3.44
C ALA A 150 -24.81 14.21 -4.81
N ALA A 151 -25.71 13.86 -5.73
CA ALA A 151 -25.85 14.61 -6.94
C ALA A 151 -26.13 16.09 -6.74
N MSE A 152 -25.62 16.92 -7.64
CA MSE A 152 -25.94 18.35 -7.69
C MSE A 152 -26.22 18.72 -9.16
O MSE A 152 -25.37 19.29 -9.84
CB MSE A 152 -24.80 19.18 -7.16
CG MSE A 152 -24.39 18.93 -5.80
SE MSE A 152 -22.76 20.01 -5.39
CE MSE A 152 -23.25 21.83 -6.08
N PRO A 153 -27.44 18.38 -9.64
CA PRO A 153 -27.89 18.79 -10.97
C PRO A 153 -27.87 20.32 -11.18
N GLU A 154 -27.99 21.03 -10.07
CA GLU A 154 -28.05 22.49 -10.13
C GLU A 154 -26.67 23.09 -10.29
N ARG A 155 -25.59 22.31 -10.05
CA ARG A 155 -24.28 22.94 -10.05
C ARG A 155 -23.96 23.49 -11.43
N GLN A 156 -23.30 24.65 -11.41
CA GLN A 156 -22.82 25.39 -12.60
C GLN A 156 -21.28 25.51 -12.52
N PRO A 157 -20.60 25.44 -13.67
CA PRO A 157 -21.17 25.37 -14.99
C PRO A 157 -21.55 23.96 -15.46
N ALA A 158 -21.23 22.93 -14.66
CA ALA A 158 -21.63 21.57 -15.02
C ALA A 158 -22.11 20.86 -13.79
N PRO A 159 -23.19 20.07 -13.96
CA PRO A 159 -23.85 19.34 -12.86
C PRO A 159 -22.86 18.35 -12.26
N ARG A 160 -23.04 18.02 -10.99
CA ARG A 160 -22.34 16.90 -10.34
C ARG A 160 -23.26 15.68 -10.26
N GLN A 161 -22.72 14.53 -10.65
CA GLN A 161 -23.43 13.27 -10.48
C GLN A 161 -23.15 12.69 -9.16
N GLU A 162 -24.05 11.84 -8.67
CA GLU A 162 -23.83 11.17 -7.37
C GLU A 162 -22.60 10.24 -7.46
N ILE A 163 -21.79 10.22 -6.42
CA ILE A 163 -20.70 9.25 -6.35
C ILE A 163 -20.67 8.59 -5.00
N ARG A 164 -20.55 7.26 -5.00
CA ARG A 164 -20.43 6.49 -3.79
C ARG A 164 -19.17 5.68 -3.79
N LEU A 165 -18.57 5.52 -2.62
CA LEU A 165 -17.33 4.75 -2.54
C LEU A 165 -17.55 3.57 -1.58
N VAL A 166 -16.98 2.39 -1.86
CA VAL A 166 -16.93 1.28 -0.88
C VAL A 166 -15.68 0.45 -1.12
N GLN A 167 -15.12 -0.11 -0.06
CA GLN A 167 -14.04 -1.05 -0.16
C GLN A 167 -14.53 -2.39 -0.72
N ARG A 168 -13.70 -2.99 -1.55
CA ARG A 168 -13.96 -4.27 -2.14
C ARG A 168 -12.75 -5.21 -1.99
N PRO A 169 -12.94 -6.51 -1.87
CA PRO A 169 -11.81 -7.41 -1.77
C PRO A 169 -10.94 -7.37 -3.02
N VAL A 170 -9.65 -7.50 -2.86
CA VAL A 170 -8.74 -7.44 -4.01
C VAL A 170 -8.79 -8.65 -4.95
N GLY A 171 -9.03 -9.83 -4.43
CA GLY A 171 -8.94 -11.02 -5.30
C GLY A 171 -8.30 -12.09 -4.45
N PRO A 172 -7.99 -13.27 -5.05
CA PRO A 172 -7.22 -14.29 -4.38
C PRO A 172 -5.93 -13.70 -3.76
N VAL A 173 -5.62 -14.20 -2.58
CA VAL A 173 -4.43 -13.83 -1.83
C VAL A 173 -3.58 -15.05 -1.49
N ALA A 174 -2.25 -14.94 -1.60
CA ALA A 174 -1.32 -15.97 -1.16
C ALA A 174 -0.86 -15.65 0.30
N VAL A 175 -0.83 -16.66 1.16
CA VAL A 175 -0.37 -16.52 2.56
C VAL A 175 0.80 -17.50 2.77
N PHE A 176 1.94 -16.97 3.21
CA PHE A 176 3.13 -17.80 3.55
C PHE A 176 3.10 -17.79 5.07
N GLY A 177 2.88 -18.98 5.66
CA GLY A 177 2.71 -19.06 7.12
C GLY A 177 4.02 -18.89 7.88
N ALA A 178 3.98 -18.38 9.09
CA ALA A 178 5.21 -18.26 9.88
C ALA A 178 5.60 -19.61 10.54
N SER A 179 6.91 -19.89 10.68
CA SER A 179 7.33 -21.09 11.40
C SER A 179 7.16 -20.98 12.93
N ASN A 180 7.23 -19.77 13.46
CA ASN A 180 7.39 -19.63 14.89
C ASN A 180 6.07 -19.41 15.64
N PHE A 181 5.00 -19.18 14.88
CA PHE A 181 3.68 -19.09 15.43
C PHE A 181 2.80 -19.96 14.56
N PRO A 182 2.83 -21.28 14.76
CA PRO A 182 2.36 -22.29 13.81
C PRO A 182 0.82 -22.39 13.76
N LEU A 183 0.16 -21.54 14.50
CA LEU A 183 -1.29 -21.40 14.49
C LEU A 183 -1.74 -19.98 14.14
N ALA A 184 -1.35 -18.98 14.97
CA ALA A 184 -1.91 -17.64 14.92
C ALA A 184 -1.32 -16.81 13.78
N PHE A 185 -0.19 -17.26 13.22
CA PHE A 185 0.45 -16.62 12.08
C PHE A 185 0.62 -17.63 10.96
N SER A 186 -0.25 -18.64 10.91
CA SER A 186 -0.05 -19.70 9.94
C SER A 186 -1.38 -19.97 9.19
N THR A 187 -1.69 -21.24 9.05
CA THR A 187 -2.82 -21.71 8.22
C THR A 187 -4.09 -20.90 8.24
N ALA A 188 -4.64 -20.70 9.45
CA ALA A 188 -5.84 -19.92 9.66
C ALA A 188 -5.53 -18.77 10.61
N GLY A 189 -4.33 -18.23 10.48
CA GLY A 189 -3.86 -17.19 11.38
C GLY A 189 -4.21 -15.82 10.84
N GLY A 190 -3.43 -14.79 11.23
CA GLY A 190 -3.85 -13.40 11.01
C GLY A 190 -4.04 -12.96 9.58
N ASP A 191 -3.18 -13.44 8.69
CA ASP A 191 -3.30 -13.03 7.29
C ASP A 191 -4.44 -13.76 6.62
N THR A 192 -4.52 -15.07 6.82
CA THR A 192 -5.70 -15.81 6.31
C THR A 192 -7.01 -15.23 6.81
N ALA A 193 -7.08 -15.01 8.13
CA ALA A 193 -8.30 -14.44 8.69
C ALA A 193 -8.69 -13.07 8.09
N ALA A 194 -7.74 -12.14 8.04
CA ALA A 194 -8.01 -10.81 7.40
C ALA A 194 -8.45 -10.95 5.92
N ALA A 195 -7.76 -11.81 5.18
CA ALA A 195 -8.11 -11.97 3.74
C ALA A 195 -9.50 -12.57 3.55
N LEU A 196 -9.81 -13.64 4.28
CA LEU A 196 -11.17 -14.20 4.26
C LEU A 196 -12.24 -13.21 4.68
N ALA A 197 -11.94 -12.40 5.72
CA ALA A 197 -12.90 -11.43 6.21
C ALA A 197 -13.18 -10.43 5.12
N ALA A 198 -12.16 -10.01 4.38
CA ALA A 198 -12.34 -9.02 3.28
C ALA A 198 -13.28 -9.55 2.17
N GLY A 199 -13.17 -10.85 1.91
CA GLY A 199 -13.83 -11.56 0.77
C GLY A 199 -12.81 -12.11 -0.22
N CYS A 200 -11.58 -12.33 0.26
CA CYS A 200 -10.53 -12.92 -0.60
C CYS A 200 -10.36 -14.41 -0.34
N PRO A 201 -10.49 -15.26 -1.38
CA PRO A 201 -10.03 -16.64 -1.19
C PRO A 201 -8.49 -16.65 -0.91
N VAL A 202 -7.97 -17.70 -0.25
CA VAL A 202 -6.59 -17.73 0.22
C VAL A 202 -5.94 -19.00 -0.27
N VAL A 203 -4.72 -18.90 -0.79
CA VAL A 203 -3.90 -20.07 -1.08
C VAL A 203 -2.74 -19.99 -0.11
N VAL A 204 -2.62 -21.00 0.75
CA VAL A 204 -1.59 -20.99 1.81
C VAL A 204 -0.46 -21.91 1.31
N LYS A 205 0.73 -21.33 1.20
CA LYS A 205 2.00 -22.05 1.12
C LYS A 205 2.40 -22.55 2.53
N GLY A 206 2.15 -23.84 2.77
CA GLY A 206 2.37 -24.46 4.10
C GLY A 206 3.83 -24.52 4.45
N HIS A 207 4.14 -24.18 5.67
CA HIS A 207 5.52 -24.18 6.12
C HIS A 207 6.03 -25.63 6.30
N SER A 208 7.19 -25.94 5.71
CA SER A 208 7.82 -27.25 5.85
C SER A 208 8.08 -27.69 7.26
N ALA A 209 8.15 -26.75 8.19
CA ALA A 209 8.48 -27.04 9.58
C ALA A 209 7.34 -27.55 10.47
N HIS A 210 6.09 -27.36 10.05
CA HIS A 210 4.94 -27.90 10.73
C HIS A 210 3.82 -28.42 9.80
N PRO A 211 4.10 -29.36 8.89
CA PRO A 211 3.06 -29.71 7.89
C PRO A 211 1.81 -30.39 8.46
N GLY A 212 2.00 -31.15 9.55
CA GLY A 212 0.87 -31.85 10.22
C GLY A 212 0.02 -30.87 10.96
N THR A 213 0.66 -29.88 11.56
CA THR A 213 -0.12 -28.78 12.19
C THR A 213 -0.95 -27.96 11.10
N GLY A 214 -0.37 -27.72 9.94
CA GLY A 214 -1.05 -27.05 8.83
C GLY A 214 -2.20 -27.94 8.37
N GLU A 215 -1.94 -29.26 8.23
CA GLU A 215 -3.04 -30.19 7.86
C GLU A 215 -4.28 -30.19 8.80
N ILE A 216 -4.14 -30.34 10.12
CA ILE A 216 -5.31 -30.39 11.01
C ILE A 216 -6.07 -29.11 10.93
N VAL A 217 -5.37 -27.99 10.75
CA VAL A 217 -6.13 -26.73 10.59
C VAL A 217 -6.82 -26.62 9.22
N ALA A 218 -6.18 -27.10 8.15
CA ALA A 218 -6.86 -27.19 6.86
C ALA A 218 -8.11 -28.07 6.94
N GLU A 219 -8.06 -29.16 7.76
CA GLU A 219 -9.26 -30.00 8.00
C GLU A 219 -10.41 -29.24 8.65
N ALA A 220 -10.08 -28.34 9.59
CA ALA A 220 -11.06 -27.51 10.22
C ALA A 220 -11.69 -26.57 9.19
N VAL A 221 -10.85 -25.94 8.36
CA VAL A 221 -11.35 -25.01 7.35
C VAL A 221 -12.24 -25.79 6.34
N ASP A 222 -11.77 -26.93 5.89
CA ASP A 222 -12.54 -27.82 5.03
C ASP A 222 -13.89 -28.16 5.65
N ALA A 223 -13.91 -28.52 6.93
CA ALA A 223 -15.19 -28.77 7.56
C ALA A 223 -16.11 -27.54 7.54
N ALA A 224 -15.51 -26.36 7.79
CA ALA A 224 -16.32 -25.12 7.84
C ALA A 224 -16.89 -24.78 6.44
N ILE A 225 -16.11 -25.05 5.41
CA ILE A 225 -16.52 -24.82 4.00
C ILE A 225 -17.73 -25.74 3.69
N ARG A 226 -17.62 -27.05 3.98
CA ARG A 226 -18.80 -28.00 3.76
C ARG A 226 -20.03 -27.56 4.55
N LYS A 227 -19.85 -27.21 5.80
CA LYS A 227 -21.00 -26.77 6.58
C LYS A 227 -21.67 -25.47 6.07
N THR A 228 -20.89 -24.47 5.70
CA THR A 228 -21.46 -23.16 5.28
C THR A 228 -21.90 -23.12 3.82
N GLY A 229 -21.36 -24.00 3.00
CA GLY A 229 -21.75 -23.92 1.60
C GLY A 229 -20.93 -22.92 0.77
N VAL A 230 -19.83 -22.38 1.30
CA VAL A 230 -19.02 -21.45 0.45
C VAL A 230 -18.25 -22.25 -0.57
N HIS A 231 -17.84 -21.63 -1.68
CA HIS A 231 -17.13 -22.32 -2.75
C HIS A 231 -15.82 -22.91 -2.24
N PRO A 232 -15.57 -24.23 -2.52
CA PRO A 232 -14.37 -24.83 -1.97
C PRO A 232 -13.05 -24.18 -2.38
N GLY A 233 -13.03 -23.42 -3.48
CA GLY A 233 -11.80 -22.70 -3.96
C GLY A 233 -11.44 -21.54 -3.02
N VAL A 234 -12.30 -21.29 -2.02
CA VAL A 234 -12.01 -20.20 -1.02
C VAL A 234 -10.69 -20.49 -0.24
N PHE A 235 -10.30 -21.78 -0.17
CA PHE A 235 -9.11 -22.09 0.62
C PHE A 235 -8.38 -23.31 0.09
N SER A 236 -7.07 -23.15 -0.10
CA SER A 236 -6.19 -24.29 -0.45
C SER A 236 -4.96 -24.25 0.48
N LEU A 237 -4.34 -25.42 0.66
CA LEU A 237 -3.09 -25.52 1.38
C LEU A 237 -2.17 -26.42 0.56
N ILE A 238 -1.01 -25.87 0.17
CA ILE A 238 0.01 -26.58 -0.54
C ILE A 238 1.23 -26.81 0.36
N GLN A 239 1.58 -28.09 0.55
CA GLN A 239 2.64 -28.52 1.48
C GLN A 239 3.99 -28.59 0.78
N GLY A 240 5.07 -28.36 1.50
CA GLY A 240 6.45 -28.48 0.94
C GLY A 240 6.85 -28.00 -0.44
N GLY A 241 6.58 -26.75 -0.78
CA GLY A 241 7.21 -26.25 -1.99
C GLY A 241 8.76 -26.15 -1.99
N SER A 242 9.41 -26.73 -3.01
CA SER A 242 10.70 -26.22 -3.47
C SER A 242 10.55 -24.72 -3.72
N ARG A 243 11.68 -24.04 -3.91
CA ARG A 243 11.71 -22.57 -4.04
C ARG A 243 10.92 -22.13 -5.28
N ASP A 244 10.93 -22.94 -6.34
CA ASP A 244 10.11 -22.64 -7.50
C ASP A 244 8.61 -22.67 -7.24
N VAL A 245 8.18 -23.38 -6.20
CA VAL A 245 6.77 -23.48 -5.89
C VAL A 245 6.31 -22.15 -5.23
N GLY A 246 7.10 -21.66 -4.26
CA GLY A 246 6.82 -20.35 -3.63
C GLY A 246 6.84 -19.21 -4.65
N HIS A 247 7.78 -19.27 -5.59
CA HIS A 247 7.84 -18.30 -6.67
C HIS A 247 6.62 -18.36 -7.57
N ALA A 248 6.23 -19.57 -7.99
CA ALA A 248 5.09 -19.65 -8.87
C ALA A 248 3.85 -19.04 -8.21
N LEU A 249 3.75 -19.20 -6.90
CA LEU A 249 2.59 -18.71 -6.18
C LEU A 249 2.53 -17.17 -6.22
N VAL A 250 3.64 -16.49 -5.94
CA VAL A 250 3.60 -14.99 -5.86
C VAL A 250 3.55 -14.40 -7.27
N GLN A 251 3.96 -15.17 -8.30
CA GLN A 251 3.87 -14.74 -9.70
C GLN A 251 2.59 -15.12 -10.40
N HIS A 252 1.76 -15.92 -9.76
CA HIS A 252 0.57 -16.38 -10.43
C HIS A 252 -0.35 -15.18 -10.83
N PRO A 253 -0.82 -15.11 -12.10
CA PRO A 253 -1.61 -13.93 -12.58
C PRO A 253 -2.93 -13.69 -11.78
N HIS A 254 -3.53 -14.73 -11.21
CA HIS A 254 -4.72 -14.52 -10.38
C HIS A 254 -4.46 -14.14 -8.91
N ILE A 255 -3.23 -14.23 -8.43
CA ILE A 255 -2.93 -13.87 -7.03
C ILE A 255 -2.80 -12.33 -7.05
N LYS A 256 -3.51 -11.68 -6.12
CA LYS A 256 -3.65 -10.20 -6.12
C LYS A 256 -2.95 -9.47 -4.94
N ALA A 257 -2.42 -10.25 -3.99
CA ALA A 257 -1.61 -9.67 -2.89
C ALA A 257 -1.02 -10.89 -2.15
N VAL A 258 0.04 -10.68 -1.37
CA VAL A 258 0.69 -11.74 -0.62
C VAL A 258 0.84 -11.28 0.83
N GLY A 259 0.50 -12.15 1.76
CA GLY A 259 0.91 -11.90 3.18
C GLY A 259 1.97 -12.90 3.57
N PHE A 260 3.03 -12.45 4.23
CA PHE A 260 4.18 -13.33 4.45
C PHE A 260 4.80 -12.99 5.82
N THR A 261 5.35 -14.02 6.50
CA THR A 261 6.09 -13.81 7.76
C THR A 261 7.30 -14.75 7.69
N GLY A 262 8.50 -14.21 7.84
CA GLY A 262 9.68 -15.00 7.60
C GLY A 262 10.95 -14.16 7.70
N SER A 263 11.97 -14.64 7.00
CA SER A 263 13.26 -13.97 7.04
C SER A 263 13.32 -12.79 6.06
N LEU A 264 14.20 -11.85 6.39
CA LEU A 264 14.61 -10.80 5.47
C LEU A 264 14.98 -11.30 4.07
N ALA A 265 15.94 -12.21 3.94
CA ALA A 265 16.42 -12.58 2.59
C ALA A 265 15.29 -13.20 1.77
N GLY A 266 14.53 -14.04 2.45
CA GLY A 266 13.45 -14.79 1.81
C GLY A 266 12.31 -13.81 1.41
N GLY A 267 11.94 -12.94 2.35
CA GLY A 267 10.89 -11.94 2.14
C GLY A 267 11.27 -10.95 1.04
N ARG A 268 12.46 -10.34 1.11
CA ARG A 268 12.85 -9.39 0.13
C ARG A 268 12.89 -10.04 -1.25
N ALA A 269 13.31 -11.30 -1.36
CA ALA A 269 13.35 -11.93 -2.71
C ALA A 269 11.95 -12.05 -3.27
N LEU A 270 10.97 -12.45 -2.44
CA LEU A 270 9.58 -12.56 -2.94
C LEU A 270 9.00 -11.16 -3.26
N PHE A 271 9.26 -10.18 -2.37
CA PHE A 271 8.88 -8.78 -2.67
C PHE A 271 9.39 -8.37 -4.08
N ASP A 272 10.63 -8.69 -4.40
CA ASP A 272 11.21 -8.25 -5.66
C ASP A 272 10.53 -8.99 -6.76
N LEU A 273 10.19 -10.27 -6.56
CA LEU A 273 9.42 -10.95 -7.59
C LEU A 273 8.04 -10.30 -7.85
N CYS A 274 7.37 -9.90 -6.77
CA CYS A 274 6.04 -9.24 -6.92
C CYS A 274 6.15 -7.95 -7.68
N ALA A 275 7.28 -7.24 -7.49
CA ALA A 275 7.47 -5.96 -8.14
C ALA A 275 7.88 -6.17 -9.60
N ALA A 276 8.50 -7.31 -9.89
CA ALA A 276 8.91 -7.64 -11.30
C ALA A 276 7.86 -8.30 -12.21
N ARG A 277 6.70 -8.65 -11.67
CA ARG A 277 5.65 -9.27 -12.42
C ARG A 277 5.24 -8.34 -13.57
N PRO A 278 4.71 -8.92 -14.68
CA PRO A 278 4.09 -8.10 -15.75
C PRO A 278 3.00 -7.17 -15.15
N GLU A 279 2.23 -7.67 -14.17
CA GLU A 279 1.28 -6.85 -13.40
C GLU A 279 1.64 -6.96 -11.92
N PRO A 280 2.39 -5.99 -11.39
CA PRO A 280 2.86 -6.15 -10.01
C PRO A 280 1.71 -6.15 -9.05
N ILE A 281 1.97 -6.72 -7.89
CA ILE A 281 0.97 -6.84 -6.81
C ILE A 281 1.67 -6.46 -5.49
N PRO A 282 0.89 -5.98 -4.51
CA PRO A 282 1.52 -5.67 -3.22
C PRO A 282 1.95 -6.91 -2.39
N PHE A 283 3.15 -6.86 -1.80
CA PHE A 283 3.70 -7.95 -0.96
C PHE A 283 3.79 -7.40 0.45
N PHE A 284 3.13 -8.05 1.41
CA PHE A 284 3.06 -7.56 2.76
C PHE A 284 3.85 -8.59 3.62
N GLY A 285 5.17 -8.37 3.80
CA GLY A 285 5.95 -9.28 4.59
C GLY A 285 6.46 -8.74 5.91
N GLU A 286 6.34 -9.53 6.97
CA GLU A 286 6.90 -9.16 8.27
C GLU A 286 8.20 -9.93 8.36
N LEU A 287 9.31 -9.21 8.57
CA LEU A 287 10.66 -9.78 8.39
C LEU A 287 11.35 -9.70 9.75
N GLY A 288 12.62 -9.35 9.76
CA GLY A 288 13.37 -9.36 11.04
C GLY A 288 13.37 -8.05 11.80
N SER A 289 13.35 -8.12 13.16
CA SER A 289 13.64 -6.94 14.01
C SER A 289 14.49 -7.32 15.23
N VAL A 290 15.40 -6.42 15.68
CA VAL A 290 16.06 -6.52 17.03
C VAL A 290 15.25 -5.98 18.18
N ASN A 291 14.30 -5.06 17.93
CA ASN A 291 13.39 -4.60 18.95
C ASN A 291 14.11 -3.98 20.18
N PRO A 292 14.87 -2.89 19.97
CA PRO A 292 15.68 -2.30 21.06
C PRO A 292 14.81 -1.63 22.15
N MSE A 293 15.30 -1.67 23.41
CA MSE A 293 14.68 -1.03 24.52
C MSE A 293 15.75 -0.09 25.09
O MSE A 293 16.95 -0.35 24.92
CB MSE A 293 14.38 -2.07 25.59
CG MSE A 293 13.64 -3.23 25.08
SE MSE A 293 13.19 -4.44 26.60
CE MSE A 293 11.86 -3.31 27.30
N PHE A 294 15.29 1.01 25.62
CA PHE A 294 16.09 2.10 26.11
C PHE A 294 15.60 2.27 27.54
N LEU A 295 16.51 2.02 28.49
CA LEU A 295 16.17 2.02 29.89
C LEU A 295 16.74 3.32 30.47
N LEU A 296 15.86 4.20 30.90
CA LEU A 296 16.26 5.56 31.23
C LEU A 296 16.80 5.59 32.65
N PRO A 297 17.67 6.59 32.93
CA PRO A 297 18.43 6.57 34.23
C PRO A 297 17.55 6.49 35.50
N GLU A 298 16.41 7.16 35.55
CA GLU A 298 15.68 7.13 36.80
C GLU A 298 14.94 5.78 37.03
N ALA A 299 14.56 5.09 35.95
CA ALA A 299 13.77 3.88 36.08
C ALA A 299 14.76 2.84 36.50
N LEU A 300 15.96 3.04 36.01
CA LEU A 300 16.94 2.03 36.17
C LEU A 300 17.41 2.12 37.62
N LYS A 301 17.34 3.34 38.15
CA LYS A 301 17.89 3.52 39.48
C LYS A 301 16.92 2.86 40.43
N ALA A 302 15.61 3.08 40.20
CA ALA A 302 14.52 2.57 41.03
C ALA A 302 14.18 1.07 40.81
N ARG A 303 14.34 0.53 39.60
CA ARG A 303 13.77 -0.77 39.33
C ARG A 303 14.67 -1.70 38.54
N ALA A 304 16.00 -1.47 38.57
CA ALA A 304 16.95 -2.23 37.74
C ALA A 304 16.85 -3.73 37.82
N GLU A 305 16.53 -4.25 39.02
CA GLU A 305 16.56 -5.70 39.24
C GLU A 305 15.35 -6.38 38.58
N THR A 306 14.21 -5.77 38.82
CA THR A 306 12.93 -6.13 38.27
C THR A 306 12.97 -6.01 36.72
N LEU A 307 13.60 -4.93 36.25
CA LEU A 307 13.80 -4.70 34.83
C LEU A 307 14.72 -5.77 34.21
N GLY A 308 15.73 -6.21 34.96
CA GLY A 308 16.66 -7.19 34.38
C GLY A 308 15.99 -8.54 34.32
N GLN A 309 15.17 -8.86 35.33
CA GLN A 309 14.40 -10.13 35.34
C GLN A 309 13.27 -10.14 34.31
N GLY A 310 12.54 -9.02 34.22
CA GLY A 310 11.50 -8.82 33.17
C GLY A 310 12.14 -9.05 31.78
N TRP A 311 13.32 -8.49 31.56
CA TRP A 311 14.05 -8.71 30.31
C TRP A 311 14.43 -10.16 30.09
N ALA A 312 14.97 -10.84 31.11
CA ALA A 312 15.37 -12.21 30.86
C ALA A 312 14.13 -13.05 30.52
N GLY A 313 13.00 -12.74 31.12
CA GLY A 313 11.77 -13.43 30.75
C GLY A 313 11.36 -13.28 29.27
N SER A 314 11.40 -12.06 28.76
CA SER A 314 11.11 -11.74 27.37
C SER A 314 12.09 -12.37 26.38
N LEU A 315 13.35 -12.36 26.70
CA LEU A 315 14.37 -12.91 25.86
C LEU A 315 14.21 -14.39 25.63
N THR A 316 13.81 -15.11 26.67
CA THR A 316 13.75 -16.57 26.63
C THR A 316 12.38 -17.22 26.33
N MSE A 317 11.33 -16.47 26.33
CA MSE A 317 9.99 -17.00 25.98
C MSE A 317 10.05 -17.74 24.65
O MSE A 317 10.70 -17.25 23.75
CB MSE A 317 9.00 -15.89 25.68
CG MSE A 317 8.89 -14.74 26.65
SE MSE A 317 7.09 -14.00 26.30
CE MSE A 317 6.03 -15.68 26.45
N GLY A 318 9.34 -18.86 24.54
CA GLY A 318 9.40 -19.71 23.33
C GLY A 318 10.77 -19.92 22.73
N ALA A 319 11.77 -20.20 23.59
CA ALA A 319 13.15 -20.42 23.15
C ALA A 319 13.66 -19.21 22.36
N GLY A 320 13.15 -18.03 22.73
CA GLY A 320 13.57 -16.81 22.04
C GLY A 320 12.91 -16.56 20.67
N GLN A 321 11.97 -17.41 20.29
CA GLN A 321 11.53 -17.48 18.88
C GLN A 321 10.33 -16.58 18.65
N PHE A 322 10.42 -15.32 19.09
CA PHE A 322 9.38 -14.32 18.86
C PHE A 322 9.97 -13.27 17.91
N CYS A 323 9.20 -12.81 16.92
CA CYS A 323 9.69 -11.73 16.05
C CYS A 323 9.88 -10.42 16.86
N THR A 324 9.20 -10.30 17.98
CA THR A 324 9.20 -9.08 18.80
C THR A 324 10.22 -9.22 19.99
N ASN A 325 11.07 -10.24 19.93
CA ASN A 325 12.08 -10.48 20.97
C ASN A 325 13.03 -9.25 21.09
N PRO A 326 13.16 -8.63 22.31
CA PRO A 326 14.02 -7.44 22.50
C PRO A 326 15.46 -7.89 22.62
N GLY A 327 16.19 -7.84 21.50
CA GLY A 327 17.52 -8.42 21.45
C GLY A 327 18.59 -7.48 22.06
N ILE A 328 18.21 -6.21 22.31
CA ILE A 328 19.17 -5.17 22.69
C ILE A 328 18.60 -4.30 23.78
N ALA A 329 19.39 -4.06 24.84
CA ALA A 329 18.95 -3.10 25.91
C ALA A 329 20.02 -2.02 26.00
N VAL A 330 19.58 -0.77 25.93
CA VAL A 330 20.50 0.37 25.84
C VAL A 330 20.38 1.11 27.15
N VAL A 331 21.54 1.32 27.76
CA VAL A 331 21.59 1.87 29.13
C VAL A 331 22.75 2.87 29.22
N ILE A 332 22.56 3.95 29.98
CA ILE A 332 23.68 4.84 30.35
C ILE A 332 24.55 4.12 31.42
N GLU A 333 25.85 4.05 31.15
CA GLU A 333 26.86 3.37 31.98
C GLU A 333 26.77 3.79 33.44
N GLY A 334 27.10 2.86 34.32
CA GLY A 334 27.24 3.20 35.73
C GLY A 334 26.67 2.13 36.63
N ALA A 335 26.49 2.49 37.88
CA ALA A 335 26.11 1.52 38.88
C ALA A 335 24.77 0.82 38.59
N ASP A 336 23.77 1.60 38.20
CA ASP A 336 22.42 1.09 38.02
C ASP A 336 22.38 0.15 36.82
N ALA A 337 23.13 0.48 35.77
CA ALA A 337 23.33 -0.43 34.63
C ALA A 337 23.88 -1.79 35.12
N ASP A 338 24.81 -1.73 36.08
CA ASP A 338 25.47 -2.94 36.61
C ASP A 338 24.46 -3.82 37.39
N ARG A 339 23.66 -3.17 38.21
CA ARG A 339 22.52 -3.77 38.91
C ARG A 339 21.62 -4.49 37.86
N PHE A 340 21.20 -3.76 36.84
CA PHE A 340 20.32 -4.32 35.78
C PHE A 340 20.97 -5.53 35.13
N THR A 341 22.22 -5.37 34.70
CA THR A 341 22.94 -6.39 33.96
C THR A 341 23.20 -7.69 34.76
N THR A 342 23.55 -7.52 36.04
CA THR A 342 23.64 -8.64 37.00
C THR A 342 22.30 -9.32 37.22
N ALA A 343 21.24 -8.53 37.38
CA ALA A 343 19.89 -9.06 37.56
C ALA A 343 19.44 -9.94 36.35
N ALA A 344 19.79 -9.49 35.14
CA ALA A 344 19.52 -10.22 33.87
C ALA A 344 20.30 -11.51 33.81
N VAL A 345 21.63 -11.38 33.96
CA VAL A 345 22.54 -12.54 34.00
C VAL A 345 22.01 -13.63 34.97
N GLU A 346 21.61 -13.20 36.18
CA GLU A 346 21.17 -14.16 37.23
C GLU A 346 19.95 -14.94 36.80
N ALA A 347 18.88 -14.19 36.44
CA ALA A 347 17.65 -14.77 35.89
C ALA A 347 17.90 -15.67 34.67
N LEU A 348 18.66 -15.20 33.69
CA LEU A 348 19.08 -16.05 32.58
C LEU A 348 19.84 -17.29 32.99
N ALA A 349 20.72 -17.19 33.98
CA ALA A 349 21.50 -18.42 34.35
C ALA A 349 20.62 -19.60 34.84
N LYS A 350 19.44 -19.28 35.38
CA LYS A 350 18.41 -20.21 35.81
C LYS A 350 17.60 -20.89 34.70
N VAL A 351 17.76 -20.49 33.41
CA VAL A 351 16.85 -20.98 32.34
C VAL A 351 17.43 -22.22 31.65
N ALA A 352 16.68 -23.30 31.69
CA ALA A 352 17.08 -24.57 31.07
C ALA A 352 17.02 -24.48 29.54
N PRO A 353 17.79 -25.34 28.83
CA PRO A 353 17.67 -25.40 27.36
C PRO A 353 16.22 -25.59 26.93
N GLN A 354 15.92 -24.99 25.78
CA GLN A 354 14.63 -25.12 25.12
C GLN A 354 14.86 -25.58 23.69
N THR A 355 14.05 -26.57 23.29
CA THR A 355 13.96 -27.06 21.94
C THR A 355 13.48 -25.93 21.00
N MSE A 356 14.15 -25.79 19.88
CA MSE A 356 13.84 -24.79 18.82
C MSE A 356 13.06 -25.49 17.69
O MSE A 356 12.88 -26.74 17.70
CB MSE A 356 15.16 -24.19 18.31
CG MSE A 356 15.93 -23.44 19.42
SE MSE A 356 17.27 -22.13 18.65
CE MSE A 356 16.06 -20.55 18.58
N LEU A 357 12.63 -24.70 16.70
CA LEU A 357 11.65 -25.15 15.75
C LEU A 357 12.22 -26.12 14.72
N THR A 358 13.48 -25.94 14.39
CA THR A 358 14.15 -26.79 13.42
C THR A 358 15.64 -26.87 13.74
N ASP A 359 16.31 -27.88 13.14
CA ASP A 359 17.75 -28.06 13.31
C ASP A 359 18.52 -26.90 12.72
N GLY A 360 18.11 -26.47 11.52
CA GLY A 360 18.68 -25.27 10.85
C GLY A 360 18.60 -23.98 11.66
N ILE A 361 17.49 -23.83 12.40
CA ILE A 361 17.32 -22.68 13.28
C ILE A 361 18.24 -22.78 14.49
N ALA A 362 18.29 -23.97 15.09
CA ALA A 362 19.23 -24.20 16.20
C ALA A 362 20.67 -23.92 15.77
N LYS A 363 21.08 -24.40 14.58
CA LYS A 363 22.39 -24.13 13.99
C LYS A 363 22.66 -22.62 13.76
N ALA A 364 21.77 -21.91 13.05
CA ALA A 364 21.83 -20.43 12.95
C ALA A 364 22.00 -19.75 14.29
N TYR A 365 21.36 -20.26 15.33
CA TYR A 365 21.53 -19.65 16.62
C TYR A 365 22.96 -19.82 17.12
N ARG A 366 23.52 -21.01 16.96
CA ARG A 366 24.90 -21.21 17.36
C ARG A 366 25.88 -20.36 16.57
N ASP A 367 25.63 -20.25 15.28
CA ASP A 367 26.43 -19.47 14.37
C ASP A 367 26.41 -18.01 14.83
N GLY A 368 25.26 -17.54 15.29
CA GLY A 368 25.07 -16.20 15.81
C GLY A 368 25.86 -16.04 17.10
N GLN A 369 25.67 -17.00 17.99
CA GLN A 369 26.36 -16.96 19.25
C GLN A 369 27.88 -16.86 19.06
N ALA A 370 28.42 -17.62 18.10
CA ALA A 370 29.83 -17.54 17.69
C ALA A 370 30.24 -16.17 17.14
N ARG A 371 29.37 -15.47 16.40
CA ARG A 371 29.78 -14.18 15.87
C ARG A 371 29.92 -13.16 16.99
N PHE A 372 29.17 -13.34 18.08
CA PHE A 372 29.38 -12.52 19.28
C PHE A 372 30.61 -12.90 20.15
N ALA A 373 30.74 -14.20 20.46
CA ALA A 373 31.85 -14.76 21.22
C ALA A 373 33.24 -14.40 20.62
N THR A 374 33.29 -14.17 19.31
CA THR A 374 34.55 -13.83 18.60
C THR A 374 34.84 -12.32 18.36
N ARG A 375 33.88 -11.43 18.61
CA ARG A 375 34.15 -9.99 18.50
C ARG A 375 34.93 -9.57 19.72
N ASN A 376 36.07 -8.90 19.49
CA ASN A 376 36.88 -8.40 20.61
C ASN A 376 36.18 -7.21 21.19
N ALA A 377 35.34 -6.59 20.34
CA ALA A 377 34.44 -5.46 20.68
C ALA A 377 33.32 -5.76 21.73
N VAL A 378 33.14 -7.04 22.08
CA VAL A 378 32.00 -7.47 22.88
C VAL A 378 32.51 -8.31 24.02
N LYS A 379 32.02 -8.08 25.23
CA LYS A 379 32.39 -8.97 26.31
C LYS A 379 31.22 -9.86 26.68
N PRO A 380 31.45 -11.19 26.85
CA PRO A 380 30.33 -12.05 27.23
C PRO A 380 29.95 -11.93 28.69
N LEU A 381 28.67 -11.78 28.99
CA LEU A 381 28.21 -11.84 30.39
C LEU A 381 27.73 -13.23 30.76
N LEU A 382 27.16 -13.94 29.79
CA LEU A 382 26.79 -15.35 29.93
C LEU A 382 27.00 -16.04 28.60
N ALA A 383 27.69 -17.15 28.63
CA ALA A 383 27.84 -17.95 27.45
C ALA A 383 27.48 -19.35 27.91
N THR A 384 26.67 -20.05 27.11
CA THR A 384 26.31 -21.43 27.40
C THR A 384 26.58 -22.23 26.14
N GLU A 385 26.79 -23.52 26.29
CA GLU A 385 26.84 -24.35 25.11
C GLU A 385 25.36 -24.62 24.78
N SER A 386 24.99 -24.44 23.53
CA SER A 386 23.72 -24.97 23.05
C SER A 386 24.03 -26.19 22.20
N SER A 387 23.22 -27.23 22.30
CA SER A 387 23.49 -28.41 21.49
C SER A 387 22.22 -28.88 20.81
N GLY A 388 22.40 -29.46 19.63
CA GLY A 388 21.35 -30.20 18.94
C GLY A 388 20.32 -29.23 18.43
N ARG A 389 19.08 -29.44 18.81
CA ARG A 389 18.00 -28.57 18.48
C ARG A 389 17.70 -27.61 19.63
N ASP A 390 18.46 -27.68 20.71
CA ASP A 390 18.15 -26.83 21.87
C ASP A 390 19.02 -25.57 21.94
N ALA A 391 18.50 -24.58 22.66
CA ALA A 391 19.18 -23.33 22.80
C ALA A 391 19.17 -23.02 24.27
N SER A 392 20.32 -22.55 24.80
CA SER A 392 20.33 -21.94 26.13
C SER A 392 20.62 -20.46 25.96
N PRO A 393 20.18 -19.64 26.90
CA PRO A 393 20.42 -18.19 26.66
C PRO A 393 21.91 -17.79 26.56
N ASN A 394 22.13 -16.56 26.08
CA ASN A 394 23.45 -15.89 26.04
C ASN A 394 23.23 -14.39 26.24
N LEU A 395 24.18 -13.73 26.90
CA LEU A 395 24.16 -12.30 27.07
C LEU A 395 25.57 -11.74 26.84
N PHE A 396 25.65 -10.64 26.09
CA PHE A 396 26.92 -10.04 25.73
C PHE A 396 26.72 -8.58 26.03
N GLU A 397 27.83 -7.85 26.13
CA GLU A 397 27.79 -6.42 26.43
C GLU A 397 28.82 -5.69 25.58
N THR A 398 28.47 -4.46 25.24
CA THR A 398 29.35 -3.61 24.48
C THR A 398 29.02 -2.14 24.80
N THR A 399 29.87 -1.22 24.35
CA THR A 399 29.67 0.24 24.51
C THR A 399 28.99 0.81 23.27
N GLY A 400 28.39 1.99 23.38
CA GLY A 400 27.75 2.64 22.24
C GLY A 400 28.74 2.89 21.10
N ALA A 401 29.93 3.39 21.44
CA ALA A 401 30.87 3.71 20.37
C ALA A 401 31.26 2.43 19.57
N GLN A 402 31.44 1.29 20.27
CA GLN A 402 31.82 0.06 19.56
C GLN A 402 30.64 -0.46 18.72
N PHE A 403 29.42 -0.13 19.14
CA PHE A 403 28.20 -0.60 18.46
C PHE A 403 27.97 0.23 17.22
N LEU A 404 28.20 1.54 17.36
CA LEU A 404 28.13 2.51 16.27
C LEU A 404 29.30 2.27 15.32
N ALA A 405 30.41 1.75 15.85
CA ALA A 405 31.55 1.30 15.01
C ALA A 405 31.26 0.07 14.13
N ASP A 406 30.46 -0.89 14.61
CA ASP A 406 30.24 -2.16 13.87
C ASP A 406 28.75 -2.51 13.71
N HIS A 407 28.20 -2.11 12.55
CA HIS A 407 26.87 -2.52 12.08
C HIS A 407 26.44 -3.94 12.45
N ALA A 408 27.37 -4.90 12.47
CA ALA A 408 27.03 -6.32 12.71
C ALA A 408 26.58 -6.60 14.15
N LEU A 409 26.89 -5.69 15.06
CA LEU A 409 26.46 -5.87 16.45
C LEU A 409 24.98 -5.59 16.64
N GLY A 410 24.33 -4.98 15.65
CA GLY A 410 22.87 -4.73 15.72
C GLY A 410 22.07 -5.77 14.92
N GLU A 411 22.77 -6.80 14.45
CA GLU A 411 22.23 -8.02 13.79
C GLU A 411 21.21 -8.69 14.70
N GLU A 412 20.08 -9.08 14.13
CA GLU A 412 19.12 -9.88 14.83
C GLU A 412 19.69 -11.29 14.93
N VAL A 413 19.70 -11.85 16.13
CA VAL A 413 19.99 -13.28 16.27
C VAL A 413 18.71 -13.95 16.67
N PHE A 414 18.27 -14.89 15.83
CA PHE A 414 16.97 -15.57 16.13
C PHE A 414 17.15 -16.65 17.24
N GLY A 415 16.66 -16.36 18.45
CA GLY A 415 16.97 -17.20 19.59
C GLY A 415 17.23 -16.34 20.82
N PRO A 416 17.53 -16.96 21.99
CA PRO A 416 17.61 -16.26 23.30
C PRO A 416 19.02 -15.71 23.63
N LEU A 417 19.50 -14.85 22.74
CA LEU A 417 20.70 -14.01 22.94
C LEU A 417 20.32 -12.54 23.08
N GLY A 418 20.86 -11.89 24.11
CA GLY A 418 20.66 -10.44 24.42
C GLY A 418 22.00 -9.66 24.36
N LEU A 419 21.94 -8.36 24.08
CA LEU A 419 23.13 -7.49 24.06
C LEU A 419 22.84 -6.20 24.81
N VAL A 420 23.72 -5.89 25.78
CA VAL A 420 23.58 -4.65 26.53
C VAL A 420 24.50 -3.67 25.86
N VAL A 421 24.00 -2.48 25.55
CA VAL A 421 24.90 -1.51 24.94
C VAL A 421 24.97 -0.38 25.96
N ARG A 422 26.18 -0.09 26.47
CA ARG A 422 26.30 0.96 27.50
C ARG A 422 26.72 2.20 26.81
N VAL A 423 25.97 3.27 27.06
CA VAL A 423 26.15 4.56 26.39
C VAL A 423 26.68 5.60 27.40
N GLY A 424 27.16 6.75 26.92
CA GLY A 424 27.65 7.79 27.85
C GLY A 424 26.64 8.82 28.43
N SER A 425 25.48 8.98 27.82
CA SER A 425 24.61 10.14 28.11
C SER A 425 23.32 10.01 27.34
N PRO A 426 22.31 10.83 27.67
CA PRO A 426 21.15 10.85 26.79
C PRO A 426 21.51 11.12 25.32
N ALA A 427 22.48 12.01 25.09
CA ALA A 427 22.86 12.45 23.77
C ALA A 427 23.37 11.26 22.97
N GLU A 428 24.26 10.47 23.55
CA GLU A 428 24.69 9.24 22.88
C GLU A 428 23.53 8.23 22.71
N MSE A 429 22.62 8.15 23.69
CA MSE A 429 21.49 7.23 23.58
C MSE A 429 20.62 7.66 22.39
O MSE A 429 20.20 6.80 21.58
CB MSE A 429 20.71 7.17 24.88
CG MSE A 429 19.73 6.02 24.99
SE MSE A 429 18.68 6.25 26.69
CE MSE A 429 19.41 4.70 27.68
N GLU A 430 20.39 8.97 22.23
CA GLU A 430 19.68 9.48 21.02
C GLU A 430 20.39 9.15 19.70
N GLU A 431 21.70 9.15 19.77
CA GLU A 431 22.56 8.91 18.60
C GLU A 431 22.28 7.48 18.14
N LEU A 432 22.29 6.54 19.09
CA LEU A 432 21.99 5.17 18.76
C LEU A 432 20.60 5.05 18.14
N ALA A 433 19.62 5.68 18.81
CA ALA A 433 18.26 5.62 18.42
C ALA A 433 18.11 6.09 16.98
N ARG A 434 18.85 7.16 16.60
CA ARG A 434 18.81 7.68 15.21
C ARG A 434 19.47 6.73 14.25
N GLY A 435 20.38 5.89 14.72
CA GLY A 435 21.13 5.01 13.80
C GLY A 435 20.42 3.67 13.55
N PHE A 436 19.34 3.35 14.27
CA PHE A 436 18.67 2.01 14.07
C PHE A 436 17.94 1.97 12.73
N GLN A 437 17.96 0.83 12.05
CA GLN A 437 17.05 0.71 10.89
C GLN A 437 15.65 0.34 11.43
N GLY A 438 14.65 0.30 10.55
CA GLY A 438 13.29 0.16 10.96
C GLY A 438 13.11 -1.13 11.74
N GLN A 439 12.20 -1.09 12.71
CA GLN A 439 11.97 -2.16 13.69
C GLN A 439 10.44 -2.40 13.80
N LEU A 440 10.05 -3.60 14.19
CA LEU A 440 8.67 -3.79 14.58
C LEU A 440 8.38 -2.91 15.80
N THR A 441 9.30 -2.91 16.78
CA THR A 441 8.99 -2.24 18.04
C THR A 441 10.18 -1.51 18.53
N ALA A 442 9.90 -0.53 19.37
CA ALA A 442 11.02 0.04 20.21
C ALA A 442 10.44 0.31 21.56
N THR A 443 11.23 0.11 22.65
CA THR A 443 10.56 0.28 23.98
C THR A 443 11.34 1.28 24.86
N ILE A 444 10.61 2.09 25.59
CA ILE A 444 11.23 2.95 26.60
C ILE A 444 10.82 2.50 28.01
N HIS A 445 11.80 2.24 28.86
CA HIS A 445 11.54 2.04 30.30
C HIS A 445 11.85 3.32 31.06
N MSE A 446 10.88 3.81 31.81
CA MSE A 446 10.97 5.14 32.33
C MSE A 446 10.17 5.33 33.62
O MSE A 446 9.12 4.68 33.81
CB MSE A 446 10.50 6.14 31.28
CG MSE A 446 9.03 6.04 31.04
SE MSE A 446 8.29 7.53 30.01
CE MSE A 446 8.25 8.98 31.45
N ASP A 447 10.63 6.25 34.46
CA ASP A 447 9.88 6.80 35.58
C ASP A 447 9.58 8.24 35.29
N ALA A 448 8.76 8.86 36.13
CA ALA A 448 8.33 10.24 35.88
C ALA A 448 9.49 11.24 35.73
N GLY A 449 10.61 10.98 36.42
CA GLY A 449 11.83 11.81 36.29
C GLY A 449 12.63 11.62 34.99
N ASP A 450 12.22 10.67 34.14
CA ASP A 450 12.89 10.41 32.86
C ASP A 450 12.18 11.14 31.70
N LEU A 451 11.18 11.97 32.00
CA LEU A 451 10.22 12.39 30.98
C LEU A 451 10.93 13.17 29.86
N GLU A 452 11.88 14.04 30.25
CA GLU A 452 12.54 14.92 29.31
C GLU A 452 13.30 14.10 28.29
N THR A 453 14.04 13.12 28.76
CA THR A 453 14.76 12.18 27.85
C THR A 453 13.82 11.38 26.95
N ALA A 454 12.77 10.84 27.56
CA ALA A 454 11.78 10.09 26.81
C ALA A 454 11.20 10.95 25.69
N ARG A 455 11.01 12.24 25.94
CA ARG A 455 10.45 13.13 24.94
C ARG A 455 11.39 13.43 23.78
N ARG A 456 12.70 13.29 23.98
CA ARG A 456 13.65 13.48 22.92
C ARG A 456 13.61 12.20 22.12
N LEU A 457 13.49 11.06 22.80
CA LEU A 457 13.50 9.74 22.13
C LEU A 457 12.24 9.43 21.35
N ARG A 458 11.06 9.79 21.86
CA ARG A 458 9.78 9.34 21.23
C ARG A 458 9.65 9.71 19.73
N PRO A 459 10.01 10.96 19.38
CA PRO A 459 9.81 11.27 17.96
C PRO A 459 10.78 10.53 17.06
N VAL A 460 11.97 10.16 17.54
CA VAL A 460 12.90 9.37 16.74
C VAL A 460 12.32 7.90 16.66
N LEU A 461 11.87 7.33 17.79
CA LEU A 461 11.40 5.91 17.82
C LEU A 461 10.08 5.70 17.07
N GLU A 462 9.18 6.66 17.14
CA GLU A 462 7.95 6.70 16.34
C GLU A 462 8.23 6.44 14.82
N ARG A 463 9.38 6.94 14.34
CA ARG A 463 9.67 6.86 12.89
C ARG A 463 10.42 5.59 12.59
N LYS A 464 10.96 4.95 13.63
CA LYS A 464 11.73 3.73 13.44
C LYS A 464 10.84 2.47 13.61
N ALA A 465 9.67 2.60 14.22
CA ALA A 465 8.94 1.38 14.55
C ALA A 465 7.46 1.48 14.38
N GLY A 466 6.79 0.34 14.16
CA GLY A 466 5.33 0.45 14.10
C GLY A 466 4.64 0.53 15.45
N ARG A 467 5.31 0.07 16.51
CA ARG A 467 4.71 0.06 17.87
C ARG A 467 5.79 0.56 18.88
N VAL A 468 5.41 1.59 19.64
CA VAL A 468 6.28 2.22 20.64
C VAL A 468 5.63 1.92 21.99
N LEU A 469 6.39 1.23 22.81
CA LEU A 469 5.92 0.70 24.10
C LEU A 469 6.67 1.48 25.16
N VAL A 470 5.97 1.76 26.24
CA VAL A 470 6.57 2.30 27.47
C VAL A 470 6.32 1.26 28.59
N ASN A 471 7.38 0.94 29.34
CA ASN A 471 7.28 0.13 30.59
C ASN A 471 6.54 -1.17 30.31
N GLY A 472 7.08 -1.94 29.35
CA GLY A 472 6.47 -3.20 29.01
C GLY A 472 7.53 -3.87 28.23
N PHE A 473 7.23 -5.09 27.82
CA PHE A 473 8.16 -5.86 27.02
C PHE A 473 7.47 -6.14 25.69
N PRO A 474 8.22 -6.12 24.57
CA PRO A 474 7.51 -6.09 23.28
C PRO A 474 7.02 -7.48 22.83
N THR A 475 7.39 -8.53 23.57
CA THR A 475 6.94 -9.86 23.23
C THR A 475 5.43 -10.05 23.21
N GLY A 476 4.63 -9.47 24.05
CA GLY A 476 3.20 -9.73 23.71
C GLY A 476 2.48 -8.77 22.73
N VAL A 477 1.94 -9.35 21.64
CA VAL A 477 1.27 -8.57 20.58
C VAL A 477 -0.24 -8.70 20.74
N GLU A 478 -0.91 -7.70 21.30
CA GLU A 478 -2.35 -7.80 21.51
C GLU A 478 -3.10 -7.79 20.15
N VAL A 479 -4.09 -8.66 20.00
CA VAL A 479 -4.94 -8.70 18.81
C VAL A 479 -6.13 -7.82 19.04
N VAL A 480 -5.94 -6.53 18.77
CA VAL A 480 -6.95 -5.51 19.08
C VAL A 480 -7.08 -4.51 17.89
N ASP A 481 -8.15 -3.73 17.84
CA ASP A 481 -8.38 -2.78 16.76
C ASP A 481 -7.21 -1.81 16.62
N SER A 482 -6.57 -1.48 17.76
CA SER A 482 -5.50 -0.51 17.87
C SER A 482 -4.09 -1.02 17.56
N MSE A 483 -3.92 -2.28 17.17
CA MSE A 483 -2.58 -2.82 17.01
C MSE A 483 -1.93 -2.39 15.71
O MSE A 483 -2.60 -2.43 14.63
CB MSE A 483 -2.64 -4.36 17.05
CG MSE A 483 -1.32 -5.12 16.76
SE MSE A 483 0.16 -4.43 17.93
CE MSE A 483 -0.75 -4.57 19.72
N VAL A 484 -0.63 -2.16 15.80
CA VAL A 484 0.22 -2.03 14.60
C VAL A 484 1.37 -2.97 14.77
N HIS A 485 1.28 -4.05 14.04
CA HIS A 485 2.31 -5.03 14.05
C HIS A 485 2.94 -5.00 12.67
N GLY A 486 4.14 -4.42 12.64
CA GLY A 486 4.80 -4.13 11.37
C GLY A 486 5.74 -2.99 11.69
N GLY A 487 6.51 -2.57 10.72
CA GLY A 487 7.30 -1.33 10.91
C GLY A 487 8.05 -1.01 9.64
N PRO A 488 8.84 0.08 9.65
CA PRO A 488 9.57 0.48 8.45
C PRO A 488 10.52 -0.58 7.97
N TYR A 489 10.72 -0.62 6.63
CA TYR A 489 11.62 -1.60 6.06
C TYR A 489 13.00 -1.40 6.78
N PRO A 490 13.69 -2.45 7.12
CA PRO A 490 13.56 -3.82 6.80
C PRO A 490 12.77 -4.64 7.79
N ALA A 491 12.04 -3.99 8.70
CA ALA A 491 11.20 -4.72 9.63
C ALA A 491 10.03 -5.41 8.88
N SER A 492 9.47 -4.69 7.92
CA SER A 492 8.40 -5.18 7.04
C SER A 492 8.41 -4.49 5.67
N THR A 493 7.65 -5.02 4.70
CA THR A 493 7.46 -4.33 3.41
C THR A 493 6.01 -3.81 3.36
N ASN A 494 5.43 -3.55 4.55
CA ASN A 494 4.00 -3.25 4.67
C ASN A 494 3.67 -1.83 4.28
N PHE A 495 4.69 -0.97 4.18
CA PHE A 495 4.53 0.46 3.85
C PHE A 495 3.38 1.06 4.65
N GLY A 496 3.42 0.81 5.97
CA GLY A 496 2.39 1.33 6.87
C GLY A 496 1.41 0.27 7.35
N ALA A 497 1.02 -0.72 6.52
CA ALA A 497 -0.02 -1.66 6.95
C ALA A 497 0.43 -2.47 8.18
N THR A 498 -0.56 -2.92 8.94
CA THR A 498 -0.33 -3.85 10.05
C THR A 498 -0.70 -5.25 9.60
N SER A 499 -0.04 -6.26 10.15
CA SER A 499 -0.42 -7.64 9.91
C SER A 499 -1.28 -8.21 10.99
N VAL A 500 -1.54 -7.44 12.06
CA VAL A 500 -2.31 -7.96 13.21
C VAL A 500 -3.20 -6.87 13.70
N GLY A 501 -4.41 -7.22 14.14
CA GLY A 501 -5.41 -6.22 14.47
C GLY A 501 -6.32 -5.97 13.28
N THR A 502 -7.43 -5.33 13.51
CA THR A 502 -8.47 -5.28 12.51
C THR A 502 -8.10 -4.36 11.34
N MSE A 503 -7.18 -3.44 11.57
CA MSE A 503 -6.77 -2.62 10.46
C MSE A 503 -6.03 -3.43 9.39
O MSE A 503 -5.88 -2.91 8.25
CB MSE A 503 -5.90 -1.43 10.92
CG MSE A 503 -5.41 -0.63 9.72
SE MSE A 503 -5.01 1.25 10.32
CE MSE A 503 -6.93 1.45 10.75
N SER A 504 -5.62 -4.66 9.70
CA SER A 504 -4.82 -5.45 8.73
C SER A 504 -5.71 -5.83 7.56
N ILE A 505 -7.03 -5.68 7.76
CA ILE A 505 -7.97 -5.98 6.65
C ILE A 505 -7.78 -5.05 5.41
N ARG A 506 -7.28 -3.84 5.64
CA ARG A 506 -6.96 -2.93 4.55
C ARG A 506 -5.97 -3.47 3.55
N ARG A 507 -5.13 -4.43 3.94
CA ARG A 507 -4.15 -4.95 2.96
C ARG A 507 -4.84 -5.63 1.79
N PHE A 508 -6.06 -6.10 2.05
CA PHE A 508 -6.77 -6.95 1.12
C PHE A 508 -8.04 -6.33 0.53
N LEU A 509 -8.11 -5.00 0.58
CA LEU A 509 -9.28 -4.33 0.02
C LEU A 509 -8.79 -3.26 -0.96
N ARG A 510 -9.66 -2.89 -1.90
CA ARG A 510 -9.43 -1.75 -2.80
C ARG A 510 -10.76 -0.98 -2.86
N PRO A 511 -10.71 0.34 -2.78
CA PRO A 511 -11.97 1.05 -2.87
C PRO A 511 -12.39 1.24 -4.33
N VAL A 512 -13.68 1.21 -4.61
CA VAL A 512 -14.20 1.51 -5.90
C VAL A 512 -15.28 2.58 -5.79
N ALA A 513 -15.27 3.52 -6.74
CA ALA A 513 -16.24 4.61 -6.82
C ALA A 513 -17.31 4.22 -7.84
N TYR A 514 -18.57 4.52 -7.48
CA TYR A 514 -19.70 4.17 -8.31
C TYR A 514 -20.43 5.46 -8.60
N GLN A 515 -20.47 5.87 -9.86
CA GLN A 515 -20.96 7.22 -10.21
C GLN A 515 -22.30 7.14 -10.97
N ASN A 516 -23.31 7.89 -10.50
CA ASN A 516 -24.64 7.94 -11.16
C ASN A 516 -25.28 6.56 -11.24
N MSE A 517 -24.99 5.70 -10.29
CA MSE A 517 -25.43 4.34 -10.46
C MSE A 517 -26.85 4.10 -9.85
O MSE A 517 -27.06 4.42 -8.69
CB MSE A 517 -24.49 3.35 -9.82
CG MSE A 517 -24.52 2.10 -10.75
SE MSE A 517 -23.47 0.85 -10.04
CE MSE A 517 -22.20 0.90 -11.57
N PRO A 518 -27.76 3.49 -10.61
CA PRO A 518 -29.13 3.15 -10.10
C PRO A 518 -29.00 2.27 -8.89
N GLU A 519 -29.88 2.51 -7.92
CA GLU A 519 -29.89 1.72 -6.70
C GLU A 519 -29.90 0.22 -6.95
N ASP A 520 -30.66 -0.24 -7.95
CA ASP A 520 -30.72 -1.70 -8.18
C ASP A 520 -29.52 -2.27 -8.87
N LEU A 521 -28.57 -1.42 -9.24
CA LEU A 521 -27.34 -1.92 -9.84
C LEU A 521 -26.16 -1.89 -8.86
N LEU A 522 -26.28 -1.12 -7.78
CA LEU A 522 -25.24 -1.04 -6.76
C LEU A 522 -24.89 -2.42 -6.21
N PRO A 523 -23.61 -2.61 -5.78
CA PRO A 523 -23.26 -3.87 -5.15
C PRO A 523 -23.94 -3.96 -3.76
N GLU A 524 -24.19 -5.19 -3.30
CA GLU A 524 -24.79 -5.42 -1.99
C GLU A 524 -24.09 -4.73 -0.84
N ASP A 525 -22.78 -4.54 -0.98
CA ASP A 525 -21.97 -3.96 0.08
C ASP A 525 -22.58 -2.73 0.65
N PHE A 526 -23.34 -1.98 -0.16
CA PHE A 526 -24.05 -0.80 0.29
C PHE A 526 -25.29 -1.18 1.09
N PHE B 26 3.61 38.99 -15.60
CA PHE B 26 4.58 38.01 -14.94
C PHE B 26 5.75 37.68 -15.85
N THR B 27 6.94 37.93 -15.33
CA THR B 27 8.18 37.55 -16.00
C THR B 27 8.93 36.57 -15.13
N PRO B 28 9.03 35.32 -15.59
CA PRO B 28 9.67 34.29 -14.71
C PRO B 28 11.12 34.64 -14.36
N LYS B 29 11.57 34.36 -13.14
CA LYS B 29 13.00 34.36 -12.75
C LYS B 29 13.77 33.20 -13.32
N GLY B 30 13.09 32.07 -13.56
CA GLY B 30 13.73 30.92 -14.08
C GLY B 30 14.52 30.06 -13.08
N LYS B 31 14.34 30.30 -11.79
CA LYS B 31 15.17 29.62 -10.76
C LYS B 31 14.36 28.48 -10.16
N HIS B 32 15.04 27.44 -9.71
CA HIS B 32 14.54 26.44 -8.77
C HIS B 32 14.22 27.10 -7.43
N LEU B 33 13.26 26.55 -6.69
CA LEU B 33 13.02 26.94 -5.30
C LEU B 33 13.47 25.78 -4.41
N VAL B 34 14.57 25.96 -3.66
CA VAL B 34 15.07 24.87 -2.81
C VAL B 34 15.09 25.40 -1.42
N ALA B 35 14.14 24.91 -0.62
CA ALA B 35 14.03 25.29 0.77
C ALA B 35 14.22 26.81 1.00
N GLY B 36 13.38 27.64 0.39
CA GLY B 36 13.32 29.05 0.68
C GLY B 36 14.31 29.89 -0.15
N GLU B 37 15.18 29.24 -0.94
CA GLU B 37 16.18 29.89 -1.78
C GLU B 37 15.94 29.63 -3.25
N TRP B 38 16.06 30.68 -4.08
CA TRP B 38 15.88 30.61 -5.52
C TRP B 38 17.23 30.40 -6.16
N LEU B 39 17.43 29.26 -6.82
CA LEU B 39 18.75 28.83 -7.18
C LEU B 39 18.91 28.59 -8.65
N ASP B 40 20.10 28.86 -9.18
CA ASP B 40 20.45 28.46 -10.54
C ASP B 40 20.68 26.98 -10.68
N GLY B 41 20.86 26.49 -11.92
CA GLY B 41 21.05 25.07 -12.18
C GLY B 41 22.20 24.88 -13.13
N ALA B 42 22.18 23.75 -13.85
CA ALA B 42 23.17 23.43 -14.87
C ALA B 42 22.83 24.12 -16.20
N GLY B 43 23.05 25.42 -16.20
CA GLY B 43 22.59 26.28 -17.30
C GLY B 43 21.05 26.45 -17.34
N THR B 44 20.51 26.76 -18.52
CA THR B 44 19.05 27.00 -18.69
C THR B 44 18.48 26.11 -19.80
N PHE B 45 17.13 25.91 -19.87
CA PHE B 45 16.48 25.34 -21.02
C PHE B 45 15.37 26.32 -21.35
N ALA B 46 14.90 26.32 -22.59
CA ALA B 46 13.86 27.29 -23.03
C ALA B 46 12.47 26.66 -22.94
N SER B 47 11.50 27.36 -22.34
CA SER B 47 10.09 26.95 -22.50
C SER B 47 9.71 26.93 -24.00
N ALA B 48 8.65 26.18 -24.36
CA ALA B 48 8.20 26.02 -25.75
C ALA B 48 6.70 26.45 -25.77
N PRO B 49 6.43 27.74 -25.58
CA PRO B 49 5.00 27.98 -25.42
C PRO B 49 4.21 27.93 -26.75
N ALA B 50 2.91 27.65 -26.66
CA ALA B 50 2.06 27.74 -27.85
C ALA B 50 1.97 29.17 -28.37
N HIS B 51 1.96 30.17 -27.50
CA HIS B 51 1.96 31.58 -27.90
C HIS B 51 2.63 32.37 -26.80
N GLY B 52 3.05 33.60 -27.07
CA GLY B 52 3.73 34.37 -26.00
C GLY B 52 5.26 34.17 -26.10
N PRO B 53 6.01 34.86 -25.25
CA PRO B 53 7.51 34.68 -25.22
C PRO B 53 8.02 33.35 -24.59
N ALA B 54 9.02 32.71 -25.20
CA ALA B 54 9.76 31.64 -24.47
C ALA B 54 10.60 32.28 -23.33
N HIS B 55 10.77 31.52 -22.23
CA HIS B 55 11.58 32.00 -21.13
C HIS B 55 12.63 30.94 -20.80
N ASP B 56 13.76 31.35 -20.20
CA ASP B 56 14.81 30.40 -19.85
C ASP B 56 14.69 30.01 -18.37
N PHE B 57 14.91 28.73 -18.08
CA PHE B 57 14.66 28.17 -16.78
C PHE B 57 15.89 27.35 -16.38
N ALA B 58 16.22 27.35 -15.08
CA ALA B 58 17.34 26.55 -14.57
C ALA B 58 17.18 25.05 -14.83
N VAL B 59 18.26 24.38 -15.22
CA VAL B 59 18.25 22.95 -15.41
C VAL B 59 18.51 22.29 -14.06
N GLY B 60 17.66 21.31 -13.73
CA GLY B 60 17.82 20.59 -12.45
C GLY B 60 19.05 19.64 -12.47
N THR B 61 19.57 19.33 -11.30
CA THR B 61 20.73 18.43 -11.19
C THR B 61 20.53 17.48 -10.02
N VAL B 62 21.35 16.42 -9.97
CA VAL B 62 21.40 15.58 -8.79
C VAL B 62 21.73 16.30 -7.49
N GLU B 63 22.65 17.27 -7.56
CA GLU B 63 23.07 17.91 -6.33
C GLU B 63 21.92 18.74 -5.78
N LEU B 64 21.11 19.28 -6.70
CA LEU B 64 19.98 20.10 -6.25
C LEU B 64 18.89 19.18 -5.65
N VAL B 65 18.70 18.02 -6.26
CA VAL B 65 17.80 16.97 -5.65
C VAL B 65 18.30 16.69 -4.22
N ASN B 66 19.62 16.55 -4.05
CA ASN B 66 20.14 16.14 -2.74
C ASN B 66 19.85 17.22 -1.75
N ARG B 67 20.06 18.46 -2.19
CA ARG B 67 19.86 19.62 -1.30
C ARG B 67 18.39 19.76 -0.87
N ALA B 68 17.48 19.61 -1.83
CA ALA B 68 16.03 19.68 -1.52
C ALA B 68 15.64 18.53 -0.53
N CYS B 69 16.10 17.31 -0.82
CA CYS B 69 15.79 16.16 0.05
C CYS B 69 16.38 16.27 1.43
N GLU B 70 17.61 16.77 1.56
CA GLU B 70 18.17 17.05 2.88
C GLU B 70 17.36 18.10 3.63
N ALA B 71 16.93 19.16 2.95
CA ALA B 71 16.15 20.16 3.63
C ALA B 71 14.77 19.64 3.98
N ALA B 72 14.19 18.75 3.14
CA ALA B 72 12.84 18.20 3.46
C ALA B 72 12.93 17.32 4.71
N GLU B 73 14.01 16.55 4.82
CA GLU B 73 14.20 15.75 6.02
C GLU B 73 14.33 16.61 7.27
N GLU B 74 15.12 17.68 7.15
CA GLU B 74 15.27 18.58 8.27
C GLU B 74 13.91 19.23 8.62
N ALA B 75 13.15 19.64 7.62
CA ALA B 75 11.80 20.21 7.86
C ALA B 75 10.79 19.24 8.53
N PHE B 76 10.94 17.94 8.22
CA PHE B 76 10.07 16.95 8.75
C PHE B 76 10.00 17.03 10.30
N TRP B 77 11.13 17.24 10.94
CA TRP B 77 11.13 17.26 12.43
C TRP B 77 10.31 18.36 13.04
N THR B 78 9.98 19.41 12.25
CA THR B 78 9.02 20.43 12.67
C THR B 78 7.68 20.18 12.03
N TYR B 79 7.64 20.24 10.69
CA TYR B 79 6.36 20.05 9.96
C TYR B 79 5.62 18.74 10.19
N GLY B 80 6.34 17.66 10.26
CA GLY B 80 5.77 16.31 10.50
C GLY B 80 5.13 16.22 11.91
N TYR B 81 5.38 17.25 12.75
CA TYR B 81 4.94 17.27 14.17
C TYR B 81 4.09 18.47 14.45
N SER B 82 3.67 19.06 13.33
CA SER B 82 2.68 20.11 13.18
C SER B 82 1.30 19.78 13.80
N SER B 83 0.51 20.76 14.21
CA SER B 83 -0.92 20.46 14.49
C SER B 83 -1.71 20.50 13.21
N ARG B 84 -2.88 19.90 13.21
CA ARG B 84 -3.71 19.91 12.03
C ARG B 84 -4.17 21.35 11.81
N LYS B 85 -4.38 22.08 12.90
CA LYS B 85 -4.77 23.49 12.77
C LYS B 85 -3.68 24.25 11.98
N GLU B 86 -2.42 24.00 12.32
CA GLU B 86 -1.29 24.67 11.65
C GLU B 86 -1.25 24.34 10.17
N ARG B 87 -1.43 23.06 9.87
CA ARG B 87 -1.36 22.65 8.45
C ARG B 87 -2.56 23.10 7.69
N ALA B 88 -3.72 23.16 8.32
CA ALA B 88 -4.87 23.68 7.57
C ALA B 88 -4.67 25.12 7.23
N ALA B 89 -4.11 25.88 8.17
CA ALA B 89 -3.86 27.31 7.90
C ALA B 89 -2.84 27.45 6.75
N PHE B 90 -1.80 26.63 6.73
CA PHE B 90 -0.84 26.65 5.63
C PHE B 90 -1.52 26.34 4.28
N LEU B 91 -2.35 25.26 4.21
CA LEU B 91 -3.06 24.93 2.96
C LEU B 91 -3.93 26.07 2.46
N ARG B 92 -4.63 26.72 3.40
CA ARG B 92 -5.55 27.82 3.04
C ARG B 92 -4.74 29.05 2.59
N ALA B 93 -3.56 29.23 3.20
CA ALA B 93 -2.69 30.33 2.79
C ALA B 93 -2.15 30.07 1.38
N ILE B 94 -1.84 28.81 1.09
CA ILE B 94 -1.43 28.50 -0.31
C ILE B 94 -2.52 28.83 -1.29
N ALA B 95 -3.75 28.42 -1.00
CA ALA B 95 -4.83 28.70 -1.87
C ALA B 95 -5.04 30.20 -2.05
N ASP B 96 -4.97 30.93 -0.94
CA ASP B 96 -5.11 32.41 -1.02
C ASP B 96 -4.01 33.03 -1.92
N GLU B 97 -2.77 32.60 -1.75
CA GLU B 97 -1.69 33.11 -2.58
C GLU B 97 -1.80 32.76 -4.04
N ILE B 98 -2.29 31.56 -4.33
CA ILE B 98 -2.62 31.25 -5.72
C ILE B 98 -3.69 32.14 -6.28
N GLU B 99 -4.77 32.35 -5.51
CA GLU B 99 -5.87 33.22 -6.03
C GLU B 99 -5.36 34.68 -6.22
N ALA B 100 -4.48 35.17 -5.35
CA ALA B 100 -3.74 36.47 -5.50
C ALA B 100 -2.90 36.57 -6.78
N ARG B 101 -2.55 35.43 -7.40
CA ARG B 101 -1.80 35.44 -8.65
C ARG B 101 -2.63 34.92 -9.85
N ALA B 102 -3.96 34.90 -9.75
CA ALA B 102 -4.84 34.40 -10.81
C ALA B 102 -4.50 34.88 -12.22
N GLU B 103 -4.33 36.20 -12.41
CA GLU B 103 -4.15 36.73 -13.75
C GLU B 103 -2.82 36.24 -14.34
N ALA B 104 -1.76 36.21 -13.52
CA ALA B 104 -0.43 35.79 -13.97
C ALA B 104 -0.47 34.31 -14.36
N ILE B 105 -1.22 33.55 -13.55
CA ILE B 105 -1.30 32.10 -13.74
C ILE B 105 -1.97 31.82 -15.05
N THR B 106 -3.08 32.51 -15.30
CA THR B 106 -3.77 32.27 -16.55
C THR B 106 -2.93 32.67 -17.79
N GLU B 107 -2.21 33.77 -17.66
CA GLU B 107 -1.37 34.29 -18.72
C GLU B 107 -0.35 33.26 -19.12
N ILE B 108 0.56 32.95 -18.19
CA ILE B 108 1.70 32.05 -18.48
C ILE B 108 1.20 30.61 -18.74
N GLY B 109 0.17 30.21 -17.97
CA GLY B 109 -0.50 28.90 -18.19
C GLY B 109 -1.07 28.68 -19.59
N SER B 110 -1.86 29.61 -20.11
CA SER B 110 -2.42 29.47 -21.45
C SER B 110 -1.29 29.54 -22.47
N GLN B 111 -0.33 30.43 -22.26
CA GLN B 111 0.88 30.54 -23.16
C GLN B 111 1.59 29.17 -23.25
N GLU B 112 1.98 28.57 -22.10
CA GLU B 112 2.78 27.36 -22.20
C GLU B 112 2.02 26.19 -22.72
N THR B 113 0.78 26.04 -22.30
CA THR B 113 0.10 24.85 -22.63
C THR B 113 -0.67 24.88 -23.93
N GLY B 114 -1.03 26.06 -24.42
CA GLY B 114 -2.01 26.18 -25.52
C GLY B 114 -3.49 25.90 -25.14
N LEU B 115 -3.77 25.65 -23.87
CA LEU B 115 -5.13 25.52 -23.43
C LEU B 115 -5.78 26.90 -23.32
N PRO B 116 -7.10 27.00 -23.55
CA PRO B 116 -7.77 28.31 -23.41
C PRO B 116 -7.73 28.93 -22.03
N GLU B 117 -7.79 30.26 -21.96
CA GLU B 117 -7.84 30.92 -20.66
C GLU B 117 -8.96 30.41 -19.74
N ALA B 118 -10.07 29.96 -20.33
CA ALA B 118 -11.22 29.53 -19.52
C ALA B 118 -10.84 28.25 -18.75
N ARG B 119 -10.03 27.41 -19.41
CA ARG B 119 -9.61 26.17 -18.80
C ARG B 119 -8.63 26.46 -17.66
N LEU B 120 -7.72 27.41 -17.90
CA LEU B 120 -6.80 27.75 -16.81
C LEU B 120 -7.58 28.38 -15.65
N ASN B 121 -8.59 29.18 -15.93
CA ASN B 121 -9.34 29.80 -14.86
C ASN B 121 -10.09 28.72 -14.05
N GLY B 122 -10.79 27.85 -14.77
CA GLY B 122 -11.56 26.78 -14.14
C GLY B 122 -10.62 25.89 -13.35
N GLU B 123 -9.47 25.54 -13.95
CA GLU B 123 -8.58 24.64 -13.23
C GLU B 123 -7.91 25.28 -11.94
N ARG B 124 -7.66 26.58 -11.95
CA ARG B 124 -7.19 27.26 -10.76
C ARG B 124 -8.21 27.09 -9.63
N GLY B 125 -9.49 27.27 -9.95
CA GLY B 125 -10.59 27.04 -8.95
C GLY B 125 -10.57 25.61 -8.43
N ARG B 126 -10.32 24.66 -9.34
CA ARG B 126 -10.20 23.27 -8.89
C ARG B 126 -9.04 23.15 -7.91
N THR B 127 -7.93 23.86 -8.17
CA THR B 127 -6.73 23.69 -7.40
C THR B 127 -6.87 24.29 -6.01
N THR B 128 -7.38 25.50 -5.97
CA THR B 128 -7.60 26.15 -4.67
C THR B 128 -8.67 25.42 -3.93
N GLY B 129 -9.73 24.98 -4.60
CA GLY B 129 -10.81 24.30 -3.90
C GLY B 129 -10.33 22.97 -3.30
N GLN B 130 -9.44 22.30 -4.02
CA GLN B 130 -8.82 21.05 -3.53
C GLN B 130 -7.93 21.28 -2.26
N LEU B 131 -7.16 22.35 -2.25
CA LEU B 131 -6.35 22.63 -1.10
C LEU B 131 -7.28 22.84 0.09
N ARG B 132 -8.33 23.57 -0.15
CA ARG B 132 -9.30 23.90 0.88
C ARG B 132 -10.01 22.68 1.41
N LEU B 133 -10.32 21.75 0.54
CA LEU B 133 -10.93 20.49 0.93
C LEU B 133 -10.02 19.69 1.85
N PHE B 134 -8.73 19.61 1.53
CA PHE B 134 -7.82 18.94 2.44
C PHE B 134 -7.69 19.69 3.76
N ALA B 135 -7.74 21.03 3.72
CA ALA B 135 -7.65 21.83 5.00
C ALA B 135 -8.85 21.41 5.86
N ASP B 136 -10.02 21.34 5.25
CA ASP B 136 -11.26 20.99 5.99
C ASP B 136 -11.24 19.56 6.48
N HIS B 137 -10.70 18.68 5.61
CA HIS B 137 -10.59 17.30 5.99
C HIS B 137 -9.70 17.07 7.21
N ILE B 138 -8.50 17.66 7.29
CA ILE B 138 -7.64 17.32 8.37
C ILE B 138 -8.18 17.98 9.68
N GLU B 139 -8.89 19.08 9.53
CA GLU B 139 -9.55 19.68 10.76
C GLU B 139 -10.61 18.73 11.35
N LYS B 140 -11.36 17.99 10.54
CA LYS B 140 -12.31 17.03 11.07
C LYS B 140 -11.52 15.96 11.84
N GLY B 141 -10.36 15.53 11.33
CA GLY B 141 -9.55 14.60 12.13
C GLY B 141 -9.86 13.11 12.01
N ASP B 142 -10.94 12.76 11.35
CA ASP B 142 -11.34 11.35 11.14
C ASP B 142 -10.25 10.51 10.38
N TYR B 143 -9.51 11.21 9.50
CA TYR B 143 -8.49 10.57 8.67
C TYR B 143 -7.36 10.01 9.53
N LEU B 144 -7.15 10.53 10.76
CA LEU B 144 -6.11 10.04 11.62
C LEU B 144 -6.38 8.64 12.12
N ASP B 145 -7.57 8.12 11.95
CA ASP B 145 -7.91 6.76 12.31
C ASP B 145 -7.68 6.45 13.81
N ARG B 146 -7.88 7.44 14.67
CA ARG B 146 -7.57 7.25 16.06
C ARG B 146 -8.44 6.13 16.64
N ARG B 147 -7.79 5.24 17.35
CA ARG B 147 -8.39 4.09 17.98
C ARG B 147 -7.78 3.93 19.37
N VAL B 148 -8.53 3.32 20.30
CA VAL B 148 -7.99 3.09 21.62
C VAL B 148 -8.63 1.81 22.21
N ASP B 149 -7.75 0.91 22.64
CA ASP B 149 -8.15 -0.22 23.43
C ASP B 149 -7.64 -0.01 24.83
N ALA B 150 -8.62 0.17 25.75
CA ALA B 150 -8.33 0.48 27.15
C ALA B 150 -7.56 -0.63 27.83
N ALA B 151 -6.70 -0.25 28.78
CA ALA B 151 -6.10 -1.17 29.74
C ALA B 151 -7.14 -2.14 30.34
N MSE B 152 -6.73 -3.38 30.60
CA MSE B 152 -7.49 -4.33 31.43
C MSE B 152 -6.57 -4.83 32.57
O MSE B 152 -5.99 -5.92 32.49
CB MSE B 152 -7.96 -5.51 30.59
CG MSE B 152 -8.91 -5.13 29.44
SE MSE B 152 -9.22 -6.68 28.24
CE MSE B 152 -11.10 -6.20 27.84
N PRO B 153 -6.37 -3.98 33.62
CA PRO B 153 -5.47 -4.41 34.73
C PRO B 153 -5.96 -5.74 35.35
N GLU B 154 -7.28 -5.95 35.30
CA GLU B 154 -7.97 -7.13 35.86
C GLU B 154 -7.78 -8.43 35.05
N ARG B 155 -7.22 -8.37 33.84
CA ARG B 155 -7.01 -9.57 33.04
C ARG B 155 -5.87 -10.46 33.53
N GLN B 156 -6.08 -11.75 33.56
CA GLN B 156 -5.00 -12.65 33.88
C GLN B 156 -5.20 -13.64 32.88
N PRO B 157 -4.16 -14.37 32.55
CA PRO B 157 -2.88 -14.41 33.27
C PRO B 157 -2.04 -13.13 33.35
N ALA B 158 -1.98 -12.36 32.28
CA ALA B 158 -1.28 -11.09 32.26
C ALA B 158 -2.26 -9.98 31.90
N PRO B 159 -2.19 -8.86 32.56
CA PRO B 159 -3.13 -7.79 32.30
C PRO B 159 -2.91 -7.19 30.92
N ARG B 160 -3.89 -6.48 30.40
CA ARG B 160 -3.65 -5.83 29.09
C ARG B 160 -3.34 -4.34 29.25
N GLN B 161 -2.29 -3.84 28.60
CA GLN B 161 -2.00 -2.43 28.74
C GLN B 161 -2.78 -1.66 27.66
N GLU B 162 -2.95 -0.39 27.89
CA GLU B 162 -3.66 0.45 26.94
C GLU B 162 -2.87 0.48 25.60
N ILE B 163 -3.58 0.43 24.47
CA ILE B 163 -2.97 0.63 23.14
C ILE B 163 -3.78 1.65 22.40
N ARG B 164 -3.09 2.57 21.72
CA ARG B 164 -3.74 3.66 20.99
C ARG B 164 -3.09 3.71 19.60
N LEU B 165 -3.87 4.01 18.58
CA LEU B 165 -3.33 3.99 17.22
C LEU B 165 -3.61 5.31 16.63
N VAL B 166 -2.64 5.82 15.88
CA VAL B 166 -2.90 7.07 15.15
C VAL B 166 -2.05 7.03 13.86
N GLN B 167 -2.61 7.59 12.78
CA GLN B 167 -1.88 7.80 11.50
C GLN B 167 -0.83 8.91 11.63
N ARG B 168 0.37 8.69 11.10
CA ARG B 168 1.45 9.70 11.11
C ARG B 168 2.00 9.86 9.70
N PRO B 169 2.47 11.07 9.32
CA PRO B 169 2.95 11.31 7.96
C PRO B 169 4.19 10.43 7.71
N VAL B 170 4.37 9.94 6.50
CA VAL B 170 5.46 8.95 6.29
C VAL B 170 6.83 9.60 6.25
N GLY B 171 6.85 10.89 5.92
CA GLY B 171 8.15 11.53 5.69
C GLY B 171 8.09 12.39 4.42
N PRO B 172 9.28 12.93 3.99
CA PRO B 172 9.35 13.67 2.73
C PRO B 172 8.81 12.85 1.54
N VAL B 173 8.06 13.53 0.66
CA VAL B 173 7.41 12.90 -0.45
C VAL B 173 7.88 13.61 -1.71
N ALA B 174 8.16 12.81 -2.74
CA ALA B 174 8.44 13.35 -4.09
C ALA B 174 7.18 13.42 -4.94
N VAL B 175 6.96 14.52 -5.68
CA VAL B 175 5.80 14.67 -6.51
C VAL B 175 6.26 14.99 -7.92
N PHE B 176 5.84 14.18 -8.89
CA PHE B 176 6.09 14.47 -10.31
C PHE B 176 4.81 15.04 -10.88
N GLY B 177 4.84 16.32 -11.20
CA GLY B 177 3.65 16.97 -11.79
C GLY B 177 3.30 16.47 -13.17
N ALA B 178 2.01 16.48 -13.48
CA ALA B 178 1.45 16.01 -14.75
C ALA B 178 1.59 17.07 -15.83
N SER B 179 1.83 16.62 -17.06
CA SER B 179 1.83 17.58 -18.16
C SER B 179 0.44 18.11 -18.44
N ASN B 180 -0.58 17.30 -18.23
CA ASN B 180 -1.87 17.68 -18.81
C ASN B 180 -2.89 18.45 -17.92
N PHE B 181 -2.54 18.58 -16.64
CA PHE B 181 -3.28 19.43 -15.71
C PHE B 181 -2.26 20.26 -14.98
N PRO B 182 -1.89 21.40 -15.56
CA PRO B 182 -0.72 22.09 -15.12
C PRO B 182 -0.90 22.85 -13.84
N LEU B 183 -2.10 22.80 -13.26
CA LEU B 183 -2.33 23.34 -11.93
C LEU B 183 -2.80 22.23 -10.98
N ALA B 184 -3.90 21.54 -11.34
CA ALA B 184 -4.50 20.64 -10.34
C ALA B 184 -3.80 19.31 -10.10
N PHE B 185 -2.94 18.90 -11.03
CA PHE B 185 -2.14 17.72 -10.82
C PHE B 185 -0.67 18.07 -10.96
N SER B 186 -0.32 19.28 -10.57
CA SER B 186 1.05 19.75 -10.73
C SER B 186 1.58 20.36 -9.40
N THR B 187 2.22 21.52 -9.46
CA THR B 187 3.03 22.02 -8.39
C THR B 187 2.34 22.03 -7.03
N ALA B 188 1.13 22.58 -6.96
CA ALA B 188 0.38 22.54 -5.67
C ALA B 188 -0.93 21.78 -5.97
N GLY B 189 -0.79 20.68 -6.75
CA GLY B 189 -2.03 19.96 -7.12
C GLY B 189 -2.31 18.89 -6.07
N GLY B 190 -3.07 17.86 -6.49
CA GLY B 190 -3.68 16.90 -5.54
C GLY B 190 -2.66 16.08 -4.79
N ASP B 191 -1.54 15.68 -5.44
CA ASP B 191 -0.52 14.97 -4.65
C ASP B 191 0.22 15.86 -3.64
N THR B 192 0.65 17.04 -4.08
CA THR B 192 1.23 18.00 -3.16
C THR B 192 0.29 18.34 -2.02
N ALA B 193 -0.95 18.57 -2.36
CA ALA B 193 -2.00 18.93 -1.32
C ALA B 193 -2.12 17.81 -0.33
N ALA B 194 -2.26 16.58 -0.80
CA ALA B 194 -2.42 15.47 0.15
C ALA B 194 -1.21 15.24 1.00
N ALA B 195 0.02 15.28 0.41
CA ALA B 195 1.22 15.12 1.20
C ALA B 195 1.37 16.22 2.25
N LEU B 196 1.17 17.48 1.86
CA LEU B 196 1.30 18.63 2.81
C LEU B 196 0.23 18.48 3.93
N ALA B 197 -0.96 18.07 3.53
CA ALA B 197 -2.06 17.79 4.50
C ALA B 197 -1.69 16.74 5.52
N ALA B 198 -1.04 15.64 5.10
CA ALA B 198 -0.67 14.55 5.98
C ALA B 198 0.41 14.98 6.99
N GLY B 199 1.18 15.98 6.60
CA GLY B 199 2.37 16.41 7.36
C GLY B 199 3.74 16.10 6.69
N CYS B 200 3.70 15.84 5.39
CA CYS B 200 4.92 15.43 4.68
C CYS B 200 5.43 16.65 3.90
N PRO B 201 6.70 17.03 4.09
CA PRO B 201 7.35 18.01 3.15
C PRO B 201 7.33 17.41 1.74
N VAL B 202 7.31 18.27 0.72
CA VAL B 202 7.21 17.76 -0.65
C VAL B 202 8.38 18.31 -1.47
N VAL B 203 9.03 17.42 -2.24
CA VAL B 203 9.91 17.92 -3.31
C VAL B 203 9.22 17.65 -4.66
N VAL B 204 9.03 18.69 -5.48
CA VAL B 204 8.31 18.58 -6.75
C VAL B 204 9.36 18.54 -7.89
N LYS B 205 9.26 17.52 -8.68
CA LYS B 205 10.01 17.45 -9.96
C LYS B 205 9.08 18.12 -10.98
N GLY B 206 9.37 19.37 -11.38
CA GLY B 206 8.36 20.14 -12.14
C GLY B 206 8.46 19.74 -13.59
N HIS B 207 7.30 19.56 -14.23
CA HIS B 207 7.23 19.13 -15.59
C HIS B 207 7.85 20.20 -16.54
N SER B 208 8.71 19.75 -17.46
CA SER B 208 9.37 20.73 -18.34
C SER B 208 8.42 21.40 -19.39
N ALA B 209 7.19 20.88 -19.53
CA ALA B 209 6.20 21.50 -20.45
C ALA B 209 5.49 22.79 -19.94
N HIS B 210 5.53 23.06 -18.61
CA HIS B 210 4.95 24.28 -18.08
C HIS B 210 5.77 24.84 -16.94
N PRO B 211 7.05 25.16 -17.21
CA PRO B 211 7.94 25.67 -16.12
C PRO B 211 7.52 27.01 -15.54
N GLY B 212 7.07 27.97 -16.34
CA GLY B 212 6.66 29.28 -15.74
C GLY B 212 5.39 29.13 -14.89
N THR B 213 4.47 28.25 -15.32
CA THR B 213 3.28 27.92 -14.54
C THR B 213 3.68 27.21 -13.22
N GLY B 214 4.74 26.38 -13.27
CA GLY B 214 5.35 25.84 -12.06
C GLY B 214 5.91 26.94 -11.16
N GLU B 215 6.63 27.89 -11.78
CA GLU B 215 7.27 28.92 -11.01
C GLU B 215 6.29 29.83 -10.27
N ILE B 216 5.23 30.21 -10.94
CA ILE B 216 4.33 31.16 -10.33
C ILE B 216 3.63 30.51 -9.15
N VAL B 217 3.31 29.22 -9.27
CA VAL B 217 2.62 28.51 -8.16
C VAL B 217 3.66 28.26 -7.04
N ALA B 218 4.91 27.92 -7.40
CA ALA B 218 5.96 27.92 -6.35
C ALA B 218 6.13 29.27 -5.62
N GLU B 219 5.99 30.39 -6.35
CA GLU B 219 6.14 31.73 -5.72
C GLU B 219 4.97 31.91 -4.74
N ALA B 220 3.79 31.39 -5.09
CA ALA B 220 2.60 31.38 -4.11
C ALA B 220 2.88 30.53 -2.89
N VAL B 221 3.39 29.31 -3.10
CA VAL B 221 3.72 28.46 -1.94
C VAL B 221 4.82 29.11 -1.03
N ASP B 222 5.83 29.67 -1.68
CA ASP B 222 6.88 30.43 -0.96
C ASP B 222 6.31 31.56 -0.08
N ALA B 223 5.38 32.32 -0.66
CA ALA B 223 4.70 33.40 0.07
C ALA B 223 3.92 32.86 1.23
N ALA B 224 3.23 31.73 1.05
CA ALA B 224 2.51 31.13 2.20
C ALA B 224 3.43 30.63 3.29
N ILE B 225 4.55 30.05 2.91
CA ILE B 225 5.53 29.61 3.87
C ILE B 225 6.10 30.81 4.69
N ARG B 226 6.43 31.90 4.01
CA ARG B 226 6.88 33.13 4.70
C ARG B 226 5.76 33.75 5.59
N LYS B 227 4.51 33.75 5.14
CA LYS B 227 3.40 34.32 5.95
C LYS B 227 3.08 33.48 7.21
N THR B 228 3.24 32.14 7.13
CA THR B 228 2.77 31.24 8.19
C THR B 228 3.92 30.83 9.13
N GLY B 229 5.18 30.99 8.73
CA GLY B 229 6.29 30.56 9.58
C GLY B 229 6.62 29.07 9.53
N VAL B 230 6.06 28.31 8.56
CA VAL B 230 6.46 26.89 8.46
C VAL B 230 7.90 26.81 7.95
N HIS B 231 8.60 25.70 8.22
CA HIS B 231 9.99 25.51 7.90
C HIS B 231 10.13 25.58 6.38
N PRO B 232 11.18 26.30 5.90
CA PRO B 232 11.21 26.51 4.46
C PRO B 232 11.48 25.22 3.65
N GLY B 233 12.03 24.19 4.27
CA GLY B 233 12.26 22.89 3.59
C GLY B 233 10.98 22.05 3.46
N VAL B 234 9.82 22.58 3.87
CA VAL B 234 8.56 21.89 3.60
C VAL B 234 8.24 21.80 2.07
N PHE B 235 8.81 22.71 1.26
CA PHE B 235 8.54 22.67 -0.16
C PHE B 235 9.73 23.09 -1.05
N SER B 236 9.99 22.30 -2.10
CA SER B 236 11.01 22.62 -3.10
C SER B 236 10.43 22.27 -4.47
N LEU B 237 10.86 23.02 -5.48
CA LEU B 237 10.52 22.76 -6.85
C LEU B 237 11.82 22.74 -7.68
N ILE B 238 12.10 21.63 -8.31
CA ILE B 238 13.22 21.50 -9.17
C ILE B 238 12.75 21.45 -10.59
N GLN B 239 13.22 22.41 -11.40
CA GLN B 239 12.78 22.54 -12.80
C GLN B 239 13.67 21.75 -13.70
N GLY B 240 13.07 21.31 -14.79
CA GLY B 240 13.71 20.48 -15.80
C GLY B 240 14.66 19.39 -15.38
N GLY B 241 15.83 19.41 -16.01
CA GLY B 241 16.83 18.37 -15.69
C GLY B 241 16.56 17.01 -16.35
N SER B 242 17.60 16.20 -16.44
CA SER B 242 17.51 14.93 -17.11
C SER B 242 16.71 13.80 -16.40
N ARG B 243 16.53 12.73 -17.15
CA ARG B 243 16.02 11.50 -16.61
C ARG B 243 16.75 11.13 -15.32
N ASP B 244 18.05 11.38 -15.24
CA ASP B 244 18.79 11.10 -13.98
C ASP B 244 18.34 11.95 -12.74
N VAL B 245 17.80 13.14 -13.00
CA VAL B 245 17.34 13.95 -11.88
C VAL B 245 16.16 13.24 -11.25
N GLY B 246 15.20 12.86 -12.09
CA GLY B 246 13.99 12.07 -11.62
C GLY B 246 14.39 10.78 -10.88
N HIS B 247 15.35 10.06 -11.47
CA HIS B 247 15.85 8.88 -10.82
C HIS B 247 16.43 9.15 -9.48
N ALA B 248 17.28 10.19 -9.36
CA ALA B 248 17.88 10.50 -8.04
C ALA B 248 16.82 10.90 -7.01
N LEU B 249 15.76 11.59 -7.44
CA LEU B 249 14.69 11.92 -6.50
C LEU B 249 14.02 10.69 -5.90
N VAL B 250 13.56 9.76 -6.73
CA VAL B 250 12.86 8.58 -6.20
C VAL B 250 13.78 7.63 -5.43
N GLN B 251 15.10 7.71 -5.68
CA GLN B 251 16.05 6.91 -4.94
C GLN B 251 16.62 7.60 -3.76
N HIS B 252 16.28 8.86 -3.51
CA HIS B 252 16.90 9.54 -2.37
C HIS B 252 16.55 8.85 -1.05
N PRO B 253 17.56 8.54 -0.19
CA PRO B 253 17.25 7.83 1.04
C PRO B 253 16.20 8.53 1.89
N HIS B 254 16.11 9.88 1.87
CA HIS B 254 15.11 10.57 2.68
C HIS B 254 13.72 10.65 2.10
N ILE B 255 13.54 10.32 0.82
CA ILE B 255 12.20 10.38 0.20
C ILE B 255 11.48 9.08 0.61
N LYS B 256 10.25 9.20 1.12
CA LYS B 256 9.57 8.03 1.69
C LYS B 256 8.34 7.53 0.90
N ALA B 257 7.95 8.26 -0.15
CA ALA B 257 6.81 7.87 -0.97
C ALA B 257 6.86 8.75 -2.21
N VAL B 258 6.27 8.31 -3.30
CA VAL B 258 6.24 9.09 -4.52
C VAL B 258 4.82 9.16 -5.09
N GLY B 259 4.45 10.36 -5.49
CA GLY B 259 3.22 10.63 -6.27
C GLY B 259 3.60 10.97 -7.70
N PHE B 260 2.95 10.36 -8.68
CA PHE B 260 3.42 10.52 -10.07
C PHE B 260 2.21 10.44 -10.97
N THR B 261 2.18 11.27 -12.00
CA THR B 261 1.16 11.24 -13.06
C THR B 261 1.87 11.32 -14.40
N GLY B 262 1.66 10.32 -15.25
CA GLY B 262 2.42 10.32 -16.49
C GLY B 262 2.33 9.06 -17.32
N SER B 263 3.40 8.73 -18.09
CA SER B 263 3.27 7.61 -19.01
C SER B 263 3.43 6.28 -18.30
N LEU B 264 2.85 5.24 -18.88
CA LEU B 264 3.13 3.87 -18.46
C LEU B 264 4.61 3.60 -18.41
N ALA B 265 5.36 3.94 -19.48
CA ALA B 265 6.78 3.54 -19.51
C ALA B 265 7.63 4.21 -18.45
N GLY B 266 7.47 5.52 -18.33
CA GLY B 266 8.20 6.33 -17.34
C GLY B 266 7.76 5.93 -15.94
N GLY B 267 6.44 5.72 -15.74
CA GLY B 267 5.95 5.37 -14.41
C GLY B 267 6.40 4.00 -13.98
N ARG B 268 6.34 2.99 -14.87
CA ARG B 268 6.79 1.68 -14.45
C ARG B 268 8.27 1.71 -14.16
N ALA B 269 9.02 2.52 -14.92
CA ALA B 269 10.51 2.62 -14.67
C ALA B 269 10.79 3.15 -13.30
N LEU B 270 10.00 4.19 -12.88
CA LEU B 270 10.24 4.76 -11.54
C LEU B 270 9.78 3.77 -10.48
N PHE B 271 8.66 3.08 -10.75
CA PHE B 271 8.15 2.05 -9.81
C PHE B 271 9.22 1.02 -9.54
N ASP B 272 9.88 0.59 -10.63
CA ASP B 272 10.92 -0.43 -10.52
C ASP B 272 12.08 0.08 -9.76
N LEU B 273 12.49 1.34 -9.97
CA LEU B 273 13.53 1.88 -9.10
C LEU B 273 13.16 1.93 -7.64
N CYS B 274 11.92 2.36 -7.32
CA CYS B 274 11.52 2.37 -5.93
C CYS B 274 11.55 0.99 -5.29
N ALA B 275 11.14 -0.08 -6.00
CA ALA B 275 11.22 -1.40 -5.45
C ALA B 275 12.68 -1.95 -5.31
N ALA B 276 13.61 -1.38 -6.09
CA ALA B 276 14.99 -1.90 -6.11
C ALA B 276 15.91 -1.21 -5.09
N ARG B 277 15.40 -0.16 -4.44
CA ARG B 277 16.16 0.62 -3.43
C ARG B 277 16.61 -0.29 -2.30
N PRO B 278 17.76 0.07 -1.66
CA PRO B 278 18.15 -0.69 -0.48
C PRO B 278 17.01 -0.68 0.55
N GLU B 279 16.33 0.46 0.73
CA GLU B 279 15.07 0.56 1.51
C GLU B 279 13.90 0.99 0.56
N PRO B 280 13.06 0.03 0.13
CA PRO B 280 11.99 0.34 -0.80
C PRO B 280 10.98 1.29 -0.19
N ILE B 281 10.27 1.97 -1.06
CA ILE B 281 9.27 2.94 -0.71
C ILE B 281 8.15 2.76 -1.70
N PRO B 282 6.95 3.10 -1.25
CA PRO B 282 5.84 2.99 -2.18
C PRO B 282 5.79 4.08 -3.27
N PHE B 283 5.49 3.63 -4.48
CA PHE B 283 5.32 4.47 -5.65
C PHE B 283 3.88 4.46 -6.12
N PHE B 284 3.25 5.66 -6.09
CA PHE B 284 1.86 5.84 -6.45
C PHE B 284 1.77 6.55 -7.80
N GLY B 285 1.66 5.79 -8.88
CA GLY B 285 1.78 6.41 -10.21
C GLY B 285 0.43 6.16 -10.92
N GLU B 286 -0.13 7.19 -11.51
CA GLU B 286 -1.34 7.11 -12.38
C GLU B 286 -0.79 7.13 -13.79
N LEU B 287 -1.09 6.09 -14.55
CA LEU B 287 -0.46 5.82 -15.82
C LEU B 287 -1.26 5.73 -17.14
N GLY B 288 -2.49 6.10 -17.20
CA GLY B 288 -3.13 5.93 -18.49
C GLY B 288 -3.98 4.71 -18.78
N SER B 289 -5.04 4.98 -19.49
CA SER B 289 -6.12 4.09 -19.70
C SER B 289 -6.82 4.44 -20.95
N VAL B 290 -7.61 3.54 -21.43
CA VAL B 290 -8.55 3.85 -22.55
C VAL B 290 -9.98 4.05 -22.09
N ASN B 291 -10.30 3.72 -20.83
CA ASN B 291 -11.63 4.17 -20.28
C ASN B 291 -12.85 3.74 -21.12
N PRO B 292 -13.00 2.42 -21.36
CA PRO B 292 -13.98 1.89 -22.29
C PRO B 292 -15.44 2.17 -21.76
N MSE B 293 -16.34 2.42 -22.70
CA MSE B 293 -17.80 2.49 -22.40
C MSE B 293 -18.51 1.35 -23.11
O MSE B 293 -18.08 0.92 -24.20
CB MSE B 293 -18.32 3.84 -22.89
CG MSE B 293 -17.38 4.93 -22.49
SE MSE B 293 -18.27 6.66 -23.06
CE MSE B 293 -18.69 6.28 -24.95
N PHE B 294 -19.55 0.83 -22.45
CA PHE B 294 -20.36 -0.28 -22.94
C PHE B 294 -21.70 0.35 -23.10
N LEU B 295 -22.18 0.40 -24.35
CA LEU B 295 -23.46 1.06 -24.61
C LEU B 295 -24.47 -0.04 -24.83
N LEU B 296 -25.41 -0.16 -23.89
CA LEU B 296 -26.32 -1.31 -23.89
C LEU B 296 -27.51 -1.09 -24.92
N PRO B 297 -28.15 -2.19 -25.35
CA PRO B 297 -29.07 -2.08 -26.53
C PRO B 297 -30.28 -1.22 -26.34
N GLU B 298 -30.84 -1.16 -25.14
CA GLU B 298 -32.02 -0.29 -24.98
C GLU B 298 -31.66 1.18 -24.98
N ALA B 299 -30.52 1.51 -24.37
CA ALA B 299 -30.04 2.85 -24.46
C ALA B 299 -29.70 3.25 -25.90
N LEU B 300 -28.99 2.40 -26.66
CA LEU B 300 -28.63 2.77 -28.02
C LEU B 300 -29.93 2.90 -28.91
N LYS B 301 -30.89 2.02 -28.68
CA LYS B 301 -32.15 2.15 -29.40
C LYS B 301 -32.86 3.47 -29.14
N ALA B 302 -32.87 3.94 -27.89
CA ALA B 302 -33.62 5.12 -27.53
C ALA B 302 -32.86 6.44 -27.71
N ARG B 303 -31.52 6.41 -27.63
CA ARG B 303 -30.71 7.67 -27.51
C ARG B 303 -29.35 7.56 -28.25
N ALA B 304 -29.30 6.78 -29.30
CA ALA B 304 -28.05 6.64 -30.09
C ALA B 304 -27.43 7.96 -30.50
N GLU B 305 -28.24 8.94 -30.90
CA GLU B 305 -27.72 10.19 -31.42
C GLU B 305 -27.14 11.08 -30.35
N THR B 306 -27.88 11.28 -29.28
CA THR B 306 -27.35 12.07 -28.21
C THR B 306 -26.16 11.38 -27.52
N LEU B 307 -26.13 10.04 -27.53
CA LEU B 307 -25.01 9.29 -26.99
C LEU B 307 -23.75 9.55 -27.87
N GLY B 308 -23.92 9.52 -29.20
CA GLY B 308 -22.76 9.72 -30.14
C GLY B 308 -22.30 11.17 -30.02
N GLN B 309 -23.26 12.10 -29.75
CA GLN B 309 -22.88 13.48 -29.58
C GLN B 309 -22.15 13.75 -28.27
N GLY B 310 -22.67 13.15 -27.20
CA GLY B 310 -22.05 13.25 -25.87
C GLY B 310 -20.63 12.64 -25.92
N TRP B 311 -20.50 11.50 -26.63
CA TRP B 311 -19.15 10.89 -26.73
C TRP B 311 -18.21 11.84 -27.45
N ALA B 312 -18.64 12.35 -28.59
CA ALA B 312 -17.83 13.31 -29.31
C ALA B 312 -17.33 14.46 -28.46
N GLY B 313 -18.18 15.03 -27.56
CA GLY B 313 -17.78 16.14 -26.68
C GLY B 313 -16.74 15.70 -25.65
N SER B 314 -16.91 14.47 -25.15
CA SER B 314 -16.02 13.96 -24.11
C SER B 314 -14.69 13.62 -24.78
N LEU B 315 -14.72 13.08 -25.98
CA LEU B 315 -13.44 12.70 -26.69
C LEU B 315 -12.57 13.90 -26.98
N THR B 316 -13.23 15.04 -27.29
CA THR B 316 -12.50 16.16 -27.84
C THR B 316 -12.15 17.20 -26.77
N MSE B 317 -12.65 17.00 -25.55
CA MSE B 317 -12.46 18.01 -24.54
C MSE B 317 -10.94 18.20 -24.27
O MSE B 317 -10.23 17.23 -24.12
CB MSE B 317 -13.13 17.55 -23.25
CG MSE B 317 -13.14 18.62 -22.26
SE MSE B 317 -14.16 17.84 -20.70
CE MSE B 317 -15.82 17.30 -21.64
N GLY B 318 -10.45 19.45 -24.24
CA GLY B 318 -8.99 19.70 -23.85
C GLY B 318 -8.05 19.03 -24.85
N ALA B 319 -8.44 19.08 -26.12
CA ALA B 319 -7.71 18.42 -27.23
C ALA B 319 -7.52 16.93 -26.90
N GLY B 320 -8.51 16.37 -26.17
CA GLY B 320 -8.45 14.98 -25.82
C GLY B 320 -7.45 14.67 -24.69
N GLN B 321 -6.89 15.69 -24.06
CA GLN B 321 -5.77 15.46 -23.14
C GLN B 321 -6.14 15.16 -21.67
N PHE B 322 -6.98 14.16 -21.51
CA PHE B 322 -7.49 13.72 -20.16
C PHE B 322 -7.06 12.34 -20.01
N CYS B 323 -6.55 11.99 -18.81
CA CYS B 323 -6.26 10.59 -18.50
C CYS B 323 -7.51 9.71 -18.53
N THR B 324 -8.66 10.34 -18.34
CA THR B 324 -9.95 9.62 -18.34
C THR B 324 -10.71 9.75 -19.67
N ASN B 325 -10.07 10.23 -20.72
CA ASN B 325 -10.68 10.28 -22.08
C ASN B 325 -11.24 8.91 -22.48
N PRO B 326 -12.53 8.83 -22.89
CA PRO B 326 -13.17 7.54 -23.24
C PRO B 326 -12.75 7.15 -24.66
N GLY B 327 -11.69 6.40 -24.76
CA GLY B 327 -11.15 6.07 -26.09
C GLY B 327 -11.87 4.96 -26.86
N ILE B 328 -12.72 4.17 -26.18
CA ILE B 328 -13.34 3.02 -26.79
C ILE B 328 -14.84 2.98 -26.49
N ALA B 329 -15.69 2.77 -27.52
CA ALA B 329 -17.12 2.50 -27.31
C ALA B 329 -17.44 1.10 -27.75
N VAL B 330 -18.02 0.29 -26.86
CA VAL B 330 -18.35 -1.11 -27.19
C VAL B 330 -19.89 -1.16 -27.45
N VAL B 331 -20.29 -1.69 -28.62
CA VAL B 331 -21.72 -1.71 -28.96
C VAL B 331 -22.06 -3.09 -29.56
N ILE B 332 -23.29 -3.57 -29.34
CA ILE B 332 -23.70 -4.75 -30.13
C ILE B 332 -24.13 -4.26 -31.52
N GLU B 333 -23.58 -4.87 -32.57
CA GLU B 333 -23.86 -4.50 -33.98
C GLU B 333 -25.36 -4.40 -34.29
N GLY B 334 -25.68 -3.67 -35.35
CA GLY B 334 -27.07 -3.43 -35.74
C GLY B 334 -27.38 -2.00 -36.15
N ALA B 335 -28.65 -1.73 -36.47
CA ALA B 335 -29.03 -0.43 -36.98
C ALA B 335 -28.76 0.67 -35.90
N ASP B 336 -28.99 0.35 -34.62
CA ASP B 336 -28.83 1.37 -33.57
C ASP B 336 -27.35 1.73 -33.37
N ALA B 337 -26.48 0.75 -33.53
CA ALA B 337 -25.06 1.00 -33.43
C ALA B 337 -24.62 1.86 -34.62
N ASP B 338 -25.21 1.63 -35.81
CA ASP B 338 -24.95 2.50 -36.97
C ASP B 338 -25.41 3.92 -36.71
N ARG B 339 -26.60 4.10 -36.12
CA ARG B 339 -27.08 5.47 -35.75
C ARG B 339 -26.12 6.16 -34.80
N PHE B 340 -25.60 5.41 -33.83
CA PHE B 340 -24.67 5.96 -32.82
C PHE B 340 -23.37 6.39 -33.46
N THR B 341 -22.86 5.54 -34.37
CA THR B 341 -21.60 5.78 -35.06
C THR B 341 -21.75 7.02 -35.98
N THR B 342 -22.82 7.08 -36.79
CA THR B 342 -23.04 8.24 -37.67
C THR B 342 -23.11 9.52 -36.90
N ALA B 343 -23.87 9.53 -35.81
CA ALA B 343 -24.00 10.72 -34.96
C ALA B 343 -22.66 11.19 -34.37
N ALA B 344 -21.83 10.22 -33.96
CA ALA B 344 -20.53 10.58 -33.36
C ALA B 344 -19.63 11.14 -34.47
N VAL B 345 -19.66 10.49 -35.65
CA VAL B 345 -18.82 11.03 -36.74
C VAL B 345 -19.23 12.44 -37.18
N GLU B 346 -20.54 12.64 -37.36
CA GLU B 346 -20.98 13.97 -37.77
C GLU B 346 -20.66 15.05 -36.74
N ALA B 347 -20.68 14.70 -35.44
CA ALA B 347 -20.34 15.66 -34.36
C ALA B 347 -18.84 15.86 -34.36
N LEU B 348 -18.07 14.77 -34.52
CA LEU B 348 -16.61 14.97 -34.50
C LEU B 348 -16.14 15.80 -35.69
N ALA B 349 -16.79 15.61 -36.82
CA ALA B 349 -16.37 16.31 -38.04
C ALA B 349 -16.47 17.83 -37.90
N LYS B 350 -17.31 18.34 -36.99
CA LYS B 350 -17.48 19.76 -36.74
C LYS B 350 -16.45 20.37 -35.82
N VAL B 351 -15.69 19.51 -35.14
CA VAL B 351 -14.77 20.00 -34.11
C VAL B 351 -13.46 20.53 -34.73
N ALA B 352 -13.09 21.77 -34.41
CA ALA B 352 -11.86 22.40 -35.01
C ALA B 352 -10.59 21.79 -34.36
N PRO B 353 -9.42 21.77 -35.06
CA PRO B 353 -8.15 21.28 -34.45
C PRO B 353 -7.88 22.11 -33.22
N GLN B 354 -7.28 21.50 -32.20
CA GLN B 354 -6.97 22.20 -30.98
C GLN B 354 -5.50 21.97 -30.66
N THR B 355 -4.87 22.97 -30.07
CA THR B 355 -3.43 22.90 -29.86
C THR B 355 -3.19 21.96 -28.68
N MSE B 356 -2.19 21.08 -28.83
CA MSE B 356 -1.80 20.21 -27.77
C MSE B 356 -0.71 20.76 -26.88
O MSE B 356 -0.11 21.77 -27.15
CB MSE B 356 -1.35 18.87 -28.33
CG MSE B 356 -2.42 18.26 -29.22
SE MSE B 356 -2.19 16.34 -29.53
CE MSE B 356 -2.96 15.56 -27.84
N LEU B 357 -0.38 20.03 -25.80
CA LEU B 357 0.47 20.61 -24.75
C LEU B 357 1.94 20.76 -25.17
N THR B 358 2.39 19.86 -26.05
CA THR B 358 3.79 19.94 -26.51
C THR B 358 3.87 19.39 -27.96
N ASP B 359 4.94 19.78 -28.66
CA ASP B 359 5.20 19.14 -29.97
C ASP B 359 5.30 17.68 -29.87
N GLY B 360 5.98 17.16 -28.85
CA GLY B 360 6.14 15.74 -28.69
C GLY B 360 4.84 14.96 -28.50
N ILE B 361 3.92 15.56 -27.72
CA ILE B 361 2.58 14.97 -27.58
C ILE B 361 1.78 14.98 -28.91
N ALA B 362 1.90 16.09 -29.66
CA ALA B 362 1.19 16.20 -30.92
C ALA B 362 1.75 15.12 -31.86
N LYS B 363 3.07 14.91 -31.82
CA LYS B 363 3.68 13.91 -32.73
C LYS B 363 3.27 12.50 -32.28
N ALA B 364 3.18 12.28 -30.96
CA ALA B 364 2.76 10.96 -30.49
C ALA B 364 1.29 10.69 -30.86
N TYR B 365 0.49 11.76 -30.85
CA TYR B 365 -0.89 11.64 -31.36
C TYR B 365 -0.97 11.24 -32.84
N ARG B 366 -0.15 11.91 -33.69
CA ARG B 366 -0.11 11.54 -35.12
C ARG B 366 0.30 10.06 -35.28
N ASP B 367 1.25 9.61 -34.48
CA ASP B 367 1.61 8.19 -34.40
C ASP B 367 0.43 7.24 -34.02
N GLY B 368 -0.34 7.61 -33.00
CA GLY B 368 -1.57 6.89 -32.68
C GLY B 368 -2.60 6.84 -33.78
N GLN B 369 -2.85 7.95 -34.46
CA GLN B 369 -3.75 7.94 -35.60
C GLN B 369 -3.30 6.90 -36.64
N ALA B 370 -2.01 6.90 -36.96
CA ALA B 370 -1.46 5.97 -37.92
C ALA B 370 -1.53 4.54 -37.45
N ARG B 371 -1.47 4.34 -36.16
CA ARG B 371 -1.55 3.04 -35.62
C ARG B 371 -2.89 2.43 -36.03
N PHE B 372 -3.96 3.19 -35.94
CA PHE B 372 -5.22 2.78 -36.48
C PHE B 372 -5.35 2.82 -37.99
N ALA B 373 -4.84 3.87 -38.58
CA ALA B 373 -5.11 4.11 -40.03
C ALA B 373 -4.34 3.06 -40.90
N THR B 374 -3.27 2.51 -40.34
CA THR B 374 -2.47 1.50 -41.07
C THR B 374 -2.77 0.08 -40.79
N ARG B 375 -3.79 -0.18 -39.96
CA ARG B 375 -4.22 -1.54 -39.72
C ARG B 375 -5.49 -1.95 -40.55
N ASN B 376 -5.38 -3.04 -41.29
CA ASN B 376 -6.48 -3.50 -42.11
C ASN B 376 -7.68 -4.01 -41.34
N ALA B 377 -7.43 -4.45 -40.12
CA ALA B 377 -8.48 -4.89 -39.22
C ALA B 377 -9.39 -3.73 -38.67
N VAL B 378 -9.08 -2.48 -39.02
CA VAL B 378 -9.80 -1.29 -38.52
C VAL B 378 -10.28 -0.51 -39.71
N LYS B 379 -11.51 0.01 -39.64
CA LYS B 379 -12.10 0.84 -40.70
C LYS B 379 -12.09 2.28 -40.27
N PRO B 380 -11.54 3.19 -41.11
CA PRO B 380 -11.57 4.57 -40.75
C PRO B 380 -12.94 5.18 -40.97
N LEU B 381 -13.37 5.96 -40.00
CA LEU B 381 -14.62 6.67 -40.17
C LEU B 381 -14.35 8.18 -40.29
N LEU B 382 -13.39 8.69 -39.53
CA LEU B 382 -12.97 10.08 -39.65
C LEU B 382 -11.49 10.02 -39.45
N ALA B 383 -10.73 10.42 -40.46
CA ALA B 383 -9.32 10.10 -40.43
C ALA B 383 -8.44 11.29 -40.74
N THR B 384 -8.96 12.49 -40.53
CA THR B 384 -8.26 13.76 -40.74
C THR B 384 -6.84 13.81 -40.18
N GLU B 385 -5.90 14.32 -40.97
CA GLU B 385 -4.50 14.44 -40.53
C GLU B 385 -4.34 15.76 -39.72
N SER B 386 -3.45 15.74 -38.75
CA SER B 386 -3.26 16.86 -37.80
C SER B 386 -1.95 17.42 -38.30
N SER B 387 -1.66 18.68 -38.04
CA SER B 387 -0.33 19.16 -38.35
C SER B 387 0.18 20.05 -37.26
N GLY B 388 1.48 20.10 -37.14
CA GLY B 388 2.13 20.89 -36.15
C GLY B 388 1.73 20.50 -34.76
N ARG B 389 1.38 21.46 -33.95
CA ARG B 389 1.04 21.16 -32.58
C ARG B 389 -0.44 20.83 -32.33
N ASP B 390 -1.23 20.89 -33.37
CA ASP B 390 -2.66 20.73 -33.29
C ASP B 390 -3.14 19.28 -33.44
N ALA B 391 -4.33 18.97 -32.93
CA ALA B 391 -4.85 17.64 -32.97
C ALA B 391 -6.22 17.72 -33.64
N SER B 392 -6.41 16.86 -34.63
CA SER B 392 -7.66 16.66 -35.34
C SER B 392 -8.31 15.43 -34.72
N PRO B 393 -9.61 15.49 -34.44
CA PRO B 393 -10.39 14.30 -33.99
C PRO B 393 -10.41 13.21 -35.03
N ASN B 394 -10.39 11.97 -34.59
CA ASN B 394 -10.50 10.82 -35.49
C ASN B 394 -11.42 9.79 -34.90
N LEU B 395 -11.96 8.92 -35.73
CA LEU B 395 -12.80 7.86 -35.28
C LEU B 395 -12.54 6.67 -36.16
N PHE B 396 -12.46 5.50 -35.55
CA PHE B 396 -12.26 4.23 -36.26
C PHE B 396 -13.23 3.21 -35.77
N GLU B 397 -13.44 2.15 -36.55
CA GLU B 397 -14.24 1.04 -36.07
C GLU B 397 -13.64 -0.35 -36.30
N THR B 398 -14.01 -1.29 -35.43
CA THR B 398 -13.50 -2.66 -35.52
C THR B 398 -14.52 -3.66 -34.90
N THR B 399 -14.27 -4.96 -35.03
CA THR B 399 -15.14 -5.96 -34.37
C THR B 399 -14.49 -6.46 -33.10
N GLY B 400 -15.29 -7.04 -32.19
CA GLY B 400 -14.70 -7.66 -30.99
C GLY B 400 -13.53 -8.63 -31.24
N ALA B 401 -13.68 -9.51 -32.23
CA ALA B 401 -12.65 -10.54 -32.45
C ALA B 401 -11.31 -9.90 -32.89
N GLN B 402 -11.43 -8.91 -33.79
CA GLN B 402 -10.25 -8.18 -34.25
C GLN B 402 -9.56 -7.39 -33.13
N PHE B 403 -10.37 -6.80 -32.26
CA PHE B 403 -9.87 -6.13 -31.11
C PHE B 403 -9.02 -7.04 -30.18
N LEU B 404 -9.59 -8.17 -29.79
CA LEU B 404 -8.92 -9.10 -28.87
C LEU B 404 -7.65 -9.69 -29.52
N ALA B 405 -7.69 -9.83 -30.85
CA ALA B 405 -6.57 -10.35 -31.65
C ALA B 405 -5.35 -9.40 -31.72
N ASP B 406 -5.55 -8.11 -31.38
CA ASP B 406 -4.45 -7.15 -31.49
C ASP B 406 -4.42 -6.17 -30.30
N HIS B 407 -3.53 -6.46 -29.36
CA HIS B 407 -3.20 -5.64 -28.19
C HIS B 407 -3.00 -4.13 -28.50
N ALA B 408 -2.34 -3.83 -29.63
CA ALA B 408 -2.12 -2.43 -30.01
C ALA B 408 -3.46 -1.66 -30.05
N LEU B 409 -4.57 -2.33 -30.41
CA LEU B 409 -5.89 -1.61 -30.65
C LEU B 409 -6.53 -1.14 -29.32
N GLY B 410 -6.06 -1.79 -28.24
CA GLY B 410 -6.49 -1.53 -26.84
C GLY B 410 -5.56 -0.59 -26.11
N GLU B 411 -4.45 -0.17 -26.74
CA GLU B 411 -3.54 0.73 -26.06
C GLU B 411 -4.04 2.21 -26.17
N GLU B 412 -3.72 2.99 -25.16
CA GLU B 412 -4.14 4.39 -25.04
C GLU B 412 -3.60 5.21 -26.23
N VAL B 413 -4.42 6.06 -26.84
CA VAL B 413 -3.91 7.16 -27.68
C VAL B 413 -4.17 8.44 -26.90
N PHE B 414 -3.14 9.24 -26.67
CA PHE B 414 -3.36 10.44 -25.88
C PHE B 414 -3.72 11.54 -26.83
N GLY B 415 -5.03 11.80 -26.93
CA GLY B 415 -5.57 12.77 -27.85
C GLY B 415 -6.95 12.34 -28.32
N PRO B 416 -7.60 13.15 -29.19
CA PRO B 416 -9.03 12.96 -29.48
C PRO B 416 -9.37 11.86 -30.55
N LEU B 417 -9.03 10.61 -30.27
CA LEU B 417 -9.30 9.51 -31.17
C LEU B 417 -10.25 8.51 -30.51
N GLY B 418 -11.34 8.21 -31.18
CA GLY B 418 -12.21 7.15 -30.65
C GLY B 418 -12.20 5.87 -31.48
N LEU B 419 -12.47 4.74 -30.81
CA LEU B 419 -12.61 3.45 -31.50
C LEU B 419 -13.94 2.87 -31.11
N VAL B 420 -14.77 2.56 -32.11
CA VAL B 420 -15.99 1.77 -31.88
C VAL B 420 -15.73 0.28 -32.04
N VAL B 421 -16.12 -0.53 -31.06
CA VAL B 421 -15.85 -1.95 -31.16
C VAL B 421 -17.20 -2.65 -31.20
N ARG B 422 -17.48 -3.32 -32.33
CA ARG B 422 -18.80 -3.92 -32.54
C ARG B 422 -18.76 -5.39 -32.12
N VAL B 423 -19.64 -5.79 -31.20
CA VAL B 423 -19.71 -7.20 -30.82
C VAL B 423 -21.03 -7.81 -31.30
N GLY B 424 -21.17 -9.14 -31.24
CA GLY B 424 -22.44 -9.82 -31.67
C GLY B 424 -23.58 -10.09 -30.68
N SER B 425 -23.28 -10.07 -29.38
CA SER B 425 -24.28 -10.41 -28.37
C SER B 425 -23.90 -9.84 -27.01
N PRO B 426 -24.84 -9.85 -26.05
CA PRO B 426 -24.47 -9.51 -24.69
C PRO B 426 -23.38 -10.46 -24.18
N ALA B 427 -23.41 -11.75 -24.53
CA ALA B 427 -22.33 -12.64 -24.04
C ALA B 427 -20.96 -12.20 -24.52
N GLU B 428 -20.86 -11.87 -25.80
CA GLU B 428 -19.60 -11.45 -26.39
C GLU B 428 -19.14 -10.11 -25.82
N MSE B 429 -20.08 -9.23 -25.51
CA MSE B 429 -19.74 -7.99 -24.85
C MSE B 429 -19.11 -8.29 -23.52
O MSE B 429 -18.14 -7.62 -23.10
CB MSE B 429 -20.99 -7.17 -24.59
CG MSE B 429 -20.63 -5.78 -24.04
SE MSE B 429 -22.29 -4.64 -23.96
CE MSE B 429 -22.20 -3.60 -25.67
N GLU B 430 -19.74 -9.21 -22.78
CA GLU B 430 -19.29 -9.51 -21.45
C GLU B 430 -17.90 -10.20 -21.54
N GLU B 431 -17.66 -11.06 -22.54
CA GLU B 431 -16.35 -11.62 -22.70
C GLU B 431 -15.30 -10.57 -23.04
N LEU B 432 -15.67 -9.57 -23.82
CA LEU B 432 -14.73 -8.49 -24.11
C LEU B 432 -14.29 -7.72 -22.81
N ALA B 433 -15.28 -7.31 -22.02
CA ALA B 433 -15.14 -6.72 -20.66
C ALA B 433 -14.16 -7.53 -19.81
N ARG B 434 -14.32 -8.87 -19.79
CA ARG B 434 -13.38 -9.77 -19.10
C ARG B 434 -11.99 -9.65 -19.67
N GLY B 435 -11.83 -9.24 -20.92
CA GLY B 435 -10.48 -9.24 -21.57
C GLY B 435 -9.67 -7.97 -21.28
N PHE B 436 -10.32 -6.87 -20.85
CA PHE B 436 -9.60 -5.62 -20.70
C PHE B 436 -8.55 -5.69 -19.63
N GLN B 437 -7.45 -4.98 -19.82
CA GLN B 437 -6.49 -4.77 -18.76
C GLN B 437 -7.11 -3.71 -17.76
N GLY B 438 -6.48 -3.53 -16.62
CA GLY B 438 -6.98 -2.50 -15.58
C GLY B 438 -7.07 -1.10 -16.19
N GLN B 439 -8.11 -0.37 -15.80
CA GLN B 439 -8.39 0.95 -16.32
C GLN B 439 -8.70 1.93 -15.14
N LEU B 440 -8.62 3.24 -15.39
CA LEU B 440 -9.08 4.21 -14.37
C LEU B 440 -10.60 4.08 -14.25
N THR B 441 -11.29 3.94 -15.40
CA THR B 441 -12.78 4.00 -15.41
C THR B 441 -13.32 3.00 -16.36
N ALA B 442 -14.57 2.61 -16.13
CA ALA B 442 -15.33 1.93 -17.21
C ALA B 442 -16.77 2.47 -17.07
N THR B 443 -17.50 2.58 -18.17
CA THR B 443 -18.84 3.23 -18.20
C THR B 443 -19.86 2.32 -18.84
N ILE B 444 -21.06 2.31 -18.27
CA ILE B 444 -22.20 1.62 -18.86
C ILE B 444 -23.24 2.70 -19.21
N HIS B 445 -23.71 2.69 -20.45
CA HIS B 445 -24.82 3.55 -20.86
C HIS B 445 -26.02 2.60 -20.98
N MSE B 446 -27.07 2.90 -20.27
CA MSE B 446 -28.16 1.98 -20.13
C MSE B 446 -29.49 2.70 -19.91
O MSE B 446 -29.52 3.81 -19.47
CB MSE B 446 -27.91 1.07 -18.92
CG MSE B 446 -27.89 1.77 -17.59
SE MSE B 446 -27.83 0.69 -16.03
CE MSE B 446 -29.62 0.14 -16.03
N ASP B 447 -30.55 2.01 -20.19
CA ASP B 447 -31.90 2.44 -19.95
C ASP B 447 -32.49 1.31 -19.10
N ALA B 448 -33.66 1.52 -18.56
CA ALA B 448 -34.20 0.59 -17.61
C ALA B 448 -34.27 -0.85 -18.13
N GLY B 449 -34.63 -1.07 -19.37
CA GLY B 449 -34.66 -2.40 -19.93
C GLY B 449 -33.32 -3.12 -20.11
N ASP B 450 -32.22 -2.39 -19.88
CA ASP B 450 -30.85 -2.97 -19.94
C ASP B 450 -30.35 -3.48 -18.57
N LEU B 451 -31.20 -3.36 -17.57
CA LEU B 451 -30.74 -3.66 -16.21
C LEU B 451 -30.14 -5.03 -16.07
N GLU B 452 -30.84 -6.05 -16.62
CA GLU B 452 -30.28 -7.40 -16.48
C GLU B 452 -28.94 -7.63 -17.15
N THR B 453 -28.70 -7.06 -18.31
CA THR B 453 -27.34 -7.06 -18.90
C THR B 453 -26.34 -6.27 -18.02
N ALA B 454 -26.70 -5.04 -17.62
CA ALA B 454 -25.90 -4.23 -16.66
C ALA B 454 -25.46 -5.04 -15.42
N ARG B 455 -26.35 -5.86 -14.89
CA ARG B 455 -26.06 -6.66 -13.70
C ARG B 455 -24.96 -7.71 -13.96
N ARG B 456 -24.88 -8.25 -15.16
CA ARG B 456 -23.79 -9.18 -15.48
C ARG B 456 -22.47 -8.48 -15.72
N LEU B 457 -22.54 -7.26 -16.27
CA LEU B 457 -21.32 -6.48 -16.52
C LEU B 457 -20.72 -5.83 -15.29
N ARG B 458 -21.54 -5.29 -14.40
CA ARG B 458 -20.97 -4.54 -13.26
C ARG B 458 -19.92 -5.36 -12.44
N PRO B 459 -20.15 -6.67 -12.11
CA PRO B 459 -19.10 -7.35 -11.34
C PRO B 459 -17.80 -7.47 -12.08
N VAL B 460 -17.83 -7.51 -13.39
CA VAL B 460 -16.62 -7.61 -14.18
C VAL B 460 -15.96 -6.24 -14.16
N LEU B 461 -16.68 -5.21 -14.53
CA LEU B 461 -16.02 -3.89 -14.66
C LEU B 461 -15.53 -3.37 -13.34
N GLU B 462 -16.20 -3.71 -12.23
CA GLU B 462 -15.69 -3.18 -10.97
C GLU B 462 -14.34 -3.78 -10.55
N ARG B 463 -13.98 -4.92 -11.14
CA ARG B 463 -12.63 -5.45 -10.89
C ARG B 463 -11.67 -4.82 -11.83
N LYS B 464 -12.14 -4.31 -12.97
CA LYS B 464 -11.23 -3.70 -13.97
C LYS B 464 -10.94 -2.23 -13.75
N ALA B 465 -11.75 -1.50 -12.96
CA ALA B 465 -11.61 -0.03 -12.93
C ALA B 465 -11.72 0.43 -11.49
N GLY B 466 -11.09 1.56 -11.21
CA GLY B 466 -11.22 2.31 -9.91
C GLY B 466 -12.62 2.97 -9.81
N ARG B 467 -13.17 3.37 -10.95
CA ARG B 467 -14.48 4.15 -10.93
C ARG B 467 -15.37 3.60 -12.03
N VAL B 468 -16.57 3.16 -11.63
CA VAL B 468 -17.54 2.63 -12.60
C VAL B 468 -18.67 3.64 -12.71
N LEU B 469 -18.90 4.09 -13.93
CA LEU B 469 -19.90 5.17 -14.22
C LEU B 469 -21.07 4.55 -14.94
N VAL B 470 -22.27 5.05 -14.65
CA VAL B 470 -23.46 4.69 -15.40
C VAL B 470 -23.99 6.01 -15.99
N ASN B 471 -24.28 6.01 -17.29
CA ASN B 471 -24.91 7.17 -17.93
C ASN B 471 -24.19 8.50 -17.69
N GLY B 472 -22.92 8.57 -18.10
CA GLY B 472 -22.19 9.80 -17.93
C GLY B 472 -20.96 9.62 -18.77
N PHE B 473 -20.08 10.61 -18.82
CA PHE B 473 -18.76 10.36 -19.50
C PHE B 473 -17.69 10.50 -18.50
N PRO B 474 -16.63 9.65 -18.62
CA PRO B 474 -15.60 9.56 -17.60
C PRO B 474 -14.70 10.78 -17.46
N THR B 475 -14.75 11.68 -18.40
CA THR B 475 -13.83 12.80 -18.40
C THR B 475 -13.81 13.66 -17.13
N GLY B 476 -14.91 13.96 -16.51
CA GLY B 476 -14.73 14.81 -15.34
C GLY B 476 -14.49 14.08 -14.05
N VAL B 477 -13.44 14.40 -13.32
CA VAL B 477 -13.12 13.75 -12.08
C VAL B 477 -13.37 14.65 -10.85
N GLU B 478 -14.44 14.38 -10.12
CA GLU B 478 -14.79 15.27 -9.02
C GLU B 478 -13.84 15.15 -7.84
N VAL B 479 -13.56 16.26 -7.17
CA VAL B 479 -12.68 16.20 -6.05
C VAL B 479 -13.60 16.15 -4.80
N VAL B 480 -13.96 14.94 -4.34
CA VAL B 480 -14.97 14.72 -3.26
C VAL B 480 -14.40 13.58 -2.45
N ASP B 481 -14.95 13.40 -1.25
CA ASP B 481 -14.61 12.32 -0.36
C ASP B 481 -14.74 10.97 -0.94
N SER B 482 -15.69 10.81 -1.87
CA SER B 482 -16.05 9.51 -2.45
C SER B 482 -15.26 9.13 -3.75
N MSE B 483 -14.28 9.92 -4.13
CA MSE B 483 -13.64 9.70 -5.45
C MSE B 483 -12.56 8.59 -5.29
O MSE B 483 -11.81 8.53 -4.30
CB MSE B 483 -12.98 11.02 -5.90
CG MSE B 483 -12.05 10.89 -7.21
SE MSE B 483 -13.02 9.95 -8.65
CE MSE B 483 -14.69 11.07 -8.66
N VAL B 484 -12.47 7.72 -6.31
CA VAL B 484 -11.39 6.76 -6.44
C VAL B 484 -10.90 7.00 -7.89
N HIS B 485 -9.74 7.68 -7.95
CA HIS B 485 -9.11 8.07 -9.23
C HIS B 485 -7.86 7.24 -9.27
N GLY B 486 -7.92 6.15 -10.04
CA GLY B 486 -6.85 5.15 -9.94
C GLY B 486 -7.45 3.89 -10.52
N GLY B 487 -6.71 2.81 -10.58
CA GLY B 487 -7.32 1.58 -11.10
C GLY B 487 -6.24 0.52 -11.10
N PRO B 488 -6.62 -0.72 -11.35
CA PRO B 488 -5.73 -1.86 -11.31
C PRO B 488 -4.60 -1.66 -12.35
N TYR B 489 -3.43 -2.19 -12.06
CA TYR B 489 -2.29 -2.02 -13.03
C TYR B 489 -2.80 -2.57 -14.38
N PRO B 490 -2.48 -1.94 -15.55
CA PRO B 490 -1.48 -0.90 -15.76
C PRO B 490 -2.08 0.53 -15.64
N ALA B 491 -3.33 0.65 -15.15
CA ALA B 491 -3.89 2.03 -15.06
C ALA B 491 -3.13 2.78 -13.99
N SER B 492 -2.78 2.11 -12.90
CA SER B 492 -1.97 2.80 -11.84
C SER B 492 -1.22 1.78 -11.06
N THR B 493 -0.21 2.25 -10.32
CA THR B 493 0.48 1.39 -9.39
C THR B 493 -0.01 1.61 -7.95
N ASN B 494 -1.21 2.17 -7.83
CA ASN B 494 -1.72 2.56 -6.46
C ASN B 494 -2.11 1.44 -5.54
N PHE B 495 -2.25 0.20 -6.07
CA PHE B 495 -2.70 -0.96 -5.32
C PHE B 495 -3.92 -0.57 -4.46
N GLY B 496 -4.90 0.07 -5.09
CA GLY B 496 -6.10 0.46 -4.29
C GLY B 496 -6.15 1.95 -4.03
N ALA B 497 -5.04 2.61 -3.77
CA ALA B 497 -5.15 4.07 -3.36
C ALA B 497 -5.76 4.93 -4.50
N THR B 498 -6.43 6.01 -4.11
CA THR B 498 -6.83 7.05 -5.04
C THR B 498 -5.81 8.19 -5.05
N SER B 499 -5.70 8.88 -6.20
CA SER B 499 -4.84 10.05 -6.42
C SER B 499 -5.64 11.33 -6.12
N VAL B 500 -6.97 11.18 -6.10
CA VAL B 500 -7.87 12.38 -6.07
C VAL B 500 -8.97 12.05 -5.05
N GLY B 501 -9.38 13.07 -4.37
CA GLY B 501 -10.34 12.81 -3.24
C GLY B 501 -9.62 12.69 -1.91
N THR B 502 -10.32 12.91 -0.81
CA THR B 502 -9.72 12.93 0.51
C THR B 502 -9.05 11.62 0.97
N MSE B 503 -9.53 10.53 0.47
CA MSE B 503 -8.96 9.26 0.80
C MSE B 503 -7.48 9.16 0.28
O MSE B 503 -6.75 8.32 0.65
CB MSE B 503 -9.83 8.11 0.31
CG MSE B 503 -9.26 6.77 0.63
SE MSE B 503 -10.47 5.26 0.65
CE MSE B 503 -11.47 6.20 2.03
N SER B 504 -7.14 10.00 -0.65
CA SER B 504 -5.79 10.01 -1.18
C SER B 504 -4.74 10.34 -0.12
N ILE B 505 -5.15 11.03 0.94
CA ILE B 505 -4.23 11.20 2.06
C ILE B 505 -3.61 9.95 2.64
N ARG B 506 -4.28 8.82 2.48
CA ARG B 506 -3.74 7.56 3.03
C ARG B 506 -2.43 7.15 2.42
N ARG B 507 -2.15 7.59 1.19
CA ARG B 507 -0.86 7.21 0.53
C ARG B 507 0.32 7.69 1.37
N PHE B 508 0.13 8.79 2.09
CA PHE B 508 1.21 9.44 2.76
C PHE B 508 1.21 9.36 4.28
N LEU B 509 0.49 8.36 4.79
CA LEU B 509 0.35 8.15 6.25
C LEU B 509 0.76 6.73 6.60
N ARG B 510 1.25 6.49 7.83
CA ARG B 510 1.55 5.15 8.33
C ARG B 510 1.03 5.12 9.75
N PRO B 511 0.30 4.06 10.15
CA PRO B 511 -0.17 4.09 11.54
C PRO B 511 0.95 3.66 12.51
N VAL B 512 0.91 4.18 13.74
CA VAL B 512 1.85 3.77 14.76
C VAL B 512 1.00 3.42 15.99
N ALA B 513 1.32 2.29 16.62
CA ALA B 513 0.64 2.03 17.94
C ALA B 513 1.53 2.51 19.09
N TYR B 514 0.88 2.98 20.14
CA TYR B 514 1.54 3.52 21.34
C TYR B 514 1.00 2.70 22.49
N GLN B 515 1.84 1.95 23.16
CA GLN B 515 1.38 1.03 24.24
C GLN B 515 1.83 1.53 25.65
N ASN B 516 0.86 1.61 26.55
CA ASN B 516 1.13 1.91 27.99
C ASN B 516 1.84 3.25 28.12
N MSE B 517 1.48 4.16 27.24
CA MSE B 517 2.20 5.39 27.17
C MSE B 517 1.56 6.48 27.97
O MSE B 517 0.39 6.79 27.73
CB MSE B 517 2.19 5.91 25.73
CG MSE B 517 3.05 7.11 25.75
SE MSE B 517 4.05 7.20 24.17
CE MSE B 517 2.73 8.31 23.39
N PRO B 518 2.34 7.17 28.82
CA PRO B 518 1.83 8.25 29.69
C PRO B 518 1.25 9.37 28.88
N GLU B 519 0.14 9.94 29.34
CA GLU B 519 -0.48 11.08 28.67
C GLU B 519 0.60 12.11 28.24
N ASP B 520 1.58 12.28 29.13
CA ASP B 520 2.60 13.31 29.01
C ASP B 520 3.55 13.12 27.85
N LEU B 521 3.59 11.91 27.31
CA LEU B 521 4.60 11.54 26.33
C LEU B 521 3.96 11.25 24.99
N LEU B 522 2.63 11.23 24.96
CA LEU B 522 1.88 10.97 23.72
C LEU B 522 2.16 12.06 22.68
N PRO B 523 2.11 11.70 21.37
CA PRO B 523 2.10 12.76 20.35
C PRO B 523 0.76 13.54 20.45
N GLU B 524 0.75 14.79 19.98
CA GLU B 524 -0.37 15.74 20.20
C GLU B 524 -1.72 15.42 19.49
N ASP B 525 -1.70 14.51 18.52
CA ASP B 525 -2.92 14.12 17.81
C ASP B 525 -3.83 13.17 18.63
C1 PE4 C . 2.05 -16.28 25.01
C2 PE4 C . 0.50 -16.51 25.09
O2 PE4 C . -0.06 -17.19 23.90
C3 PE4 C . -1.52 -17.02 23.67
C4 PE4 C . -2.09 -15.62 23.97
O3 PE4 C . -1.78 -14.60 22.88
C5 PE4 C . -2.51 -13.41 23.34
C6 PE4 C . -3.84 -13.68 24.19
O4 PE4 C . -4.99 -13.91 23.25
C7 PE4 C . -6.21 -14.13 24.02
C8 PE4 C . -7.46 -13.49 23.38
O5 PE4 C . -7.35 -12.03 23.21
C9 PE4 C . -8.60 -11.76 22.40
C10 PE4 C . -8.32 -11.69 20.81
O6 PE4 C . -7.48 -12.79 20.33
#